data_3AL6
#
_entry.id   3AL6
#
_cell.length_a   165.871
_cell.length_b   165.871
_cell.length_c   105.951
_cell.angle_alpha   90.00
_cell.angle_beta   90.00
_cell.angle_gamma   90.00
#
_symmetry.space_group_name_H-M   'P 41 21 2'
#
loop_
_entity.id
_entity.type
_entity.pdbx_description
1 polymer 'JmjC domain-containing protein C2orf60'
2 non-polymer 'NICKEL (II) ION'
3 non-polymer '2-OXOGLUTARIC ACID'
#
_entity_poly.entity_id   1
_entity_poly.type   'polypeptide(L)'
_entity_poly.pdbx_seq_one_letter_code
;MGSSHHHHHHSSGLEVLFQGPLHMAGQHLPVPRLEGVSREQFMQHLYPQRKPLVLEGIDLGPCTSKWTVDYLSQVGGKKE
VKIHVAAVAQMDFISKNFVYRTLPFDQLVQRAAEEKHKEFFVSEDEKYYLRSLGEDPRKDVADIRKQFPLLKGDIKFPEF
FKEEQFFSSVFRISSPGLQLWTHYDVMDNLLIQVTGKKRVVLFSPRDAQYLYLKGTKSEVLNIDNPDLAKYPLFSKARRY
ECSLEAGDVLFIPALWFHNVISEEFGVGVNIFWKHLPSECYDKTDTYGNKDPTAASRAAQILDRALKTLAELPEEYRDFY
ARRMVLHIQDKAYSKNSE
;
_entity_poly.pdbx_strand_id   A,B,C,D
#
loop_
_chem_comp.id
_chem_comp.type
_chem_comp.name
_chem_comp.formula
AKG non-polymer '2-OXOGLUTARIC ACID' 'C5 H6 O5'
NI non-polymer 'NICKEL (II) ION' 'Ni 2'
#
# COMPACT_ATOMS: atom_id res chain seq x y z
N HIS A 28 -23.85 -49.10 -13.58
CA HIS A 28 -24.61 -50.21 -14.17
C HIS A 28 -26.07 -49.81 -14.29
N LEU A 29 -26.32 -48.59 -14.79
CA LEU A 29 -27.67 -48.13 -15.05
C LEU A 29 -28.38 -49.14 -15.92
N PRO A 30 -29.67 -49.37 -15.65
CA PRO A 30 -30.47 -50.25 -16.52
C PRO A 30 -31.26 -49.44 -17.56
N VAL A 31 -31.42 -50.02 -18.74
CA VAL A 31 -32.22 -49.41 -19.79
C VAL A 31 -33.67 -49.81 -19.54
N PRO A 32 -34.58 -48.83 -19.52
CA PRO A 32 -36.01 -49.06 -19.29
C PRO A 32 -36.61 -50.21 -20.10
N ARG A 33 -37.39 -51.07 -19.47
CA ARG A 33 -38.27 -51.97 -20.23
C ARG A 33 -39.72 -51.46 -20.11
N LEU A 34 -40.50 -51.65 -21.17
CA LEU A 34 -41.84 -51.09 -21.27
C LEU A 34 -42.74 -52.06 -22.01
N GLU A 35 -43.95 -52.27 -21.48
CA GLU A 35 -44.91 -53.12 -22.18
C GLU A 35 -46.05 -52.31 -22.80
N GLY A 36 -46.68 -52.92 -23.78
CA GLY A 36 -47.88 -52.36 -24.38
C GLY A 36 -47.66 -50.94 -24.81
N VAL A 37 -46.48 -50.69 -25.36
CA VAL A 37 -46.19 -49.43 -26.00
C VAL A 37 -46.71 -49.45 -27.45
N SER A 38 -47.31 -48.33 -27.86
CA SER A 38 -48.02 -48.21 -29.12
C SER A 38 -47.17 -47.56 -30.21
N ARG A 39 -47.47 -47.91 -31.46
CA ARG A 39 -46.89 -47.17 -32.56
C ARG A 39 -46.82 -45.70 -32.18
N GLU A 40 -47.96 -45.08 -31.90
CA GLU A 40 -47.94 -43.64 -31.69
C GLU A 40 -47.12 -43.28 -30.47
N GLN A 41 -47.41 -43.90 -29.34
CA GLN A 41 -46.72 -43.59 -28.09
C GLN A 41 -45.20 -43.52 -28.36
N PHE A 42 -44.70 -44.49 -29.12
CA PHE A 42 -43.27 -44.53 -29.43
C PHE A 42 -42.83 -43.32 -30.22
N MET A 43 -43.37 -43.20 -31.44
CA MET A 43 -42.99 -42.14 -32.37
C MET A 43 -43.13 -40.70 -31.86
N GLN A 44 -44.17 -40.42 -31.08
CA GLN A 44 -44.40 -39.05 -30.64
C GLN A 44 -43.91 -38.73 -29.22
N HIS A 45 -43.58 -39.74 -28.43
CA HIS A 45 -43.26 -39.47 -27.04
C HIS A 45 -41.99 -40.19 -26.53
N LEU A 46 -41.68 -41.35 -27.10
CA LEU A 46 -40.49 -42.08 -26.70
C LEU A 46 -39.32 -41.78 -27.65
N TYR A 47 -39.55 -41.98 -28.94
CA TYR A 47 -38.55 -41.72 -29.97
C TYR A 47 -37.79 -40.40 -29.76
N PRO A 48 -38.51 -39.28 -29.55
CA PRO A 48 -37.89 -37.97 -29.39
C PRO A 48 -36.97 -37.85 -28.19
N GLN A 49 -37.24 -38.62 -27.15
CA GLN A 49 -36.36 -38.66 -25.97
C GLN A 49 -34.93 -38.95 -26.37
N ARG A 50 -34.77 -39.64 -27.50
CA ARG A 50 -33.45 -40.00 -27.99
C ARG A 50 -32.69 -40.84 -26.96
N LYS A 51 -33.35 -41.83 -26.32
CA LYS A 51 -32.66 -42.71 -25.34
C LYS A 51 -32.98 -44.19 -25.51
N PRO A 52 -31.99 -45.06 -25.26
CA PRO A 52 -32.24 -46.51 -25.42
C PRO A 52 -33.43 -46.96 -24.57
N LEU A 53 -34.02 -48.10 -24.94
CA LEU A 53 -35.33 -48.50 -24.47
C LEU A 53 -35.58 -49.88 -25.03
N VAL A 54 -35.98 -50.82 -24.19
CA VAL A 54 -36.43 -52.09 -24.72
C VAL A 54 -37.95 -52.20 -24.66
N LEU A 55 -38.50 -52.83 -25.70
CA LEU A 55 -39.93 -53.00 -25.87
C LEU A 55 -40.29 -54.46 -25.75
N GLU A 56 -40.92 -54.78 -24.62
CA GLU A 56 -41.42 -56.13 -24.35
C GLU A 56 -42.74 -56.41 -25.08
N GLY A 57 -42.91 -57.62 -25.56
CA GLY A 57 -44.18 -58.05 -26.09
C GLY A 57 -44.75 -57.39 -27.34
N ILE A 58 -43.90 -56.94 -28.24
CA ILE A 58 -44.37 -56.57 -29.57
C ILE A 58 -44.72 -57.84 -30.33
N ASP A 59 -45.64 -57.75 -31.29
CA ASP A 59 -45.99 -58.89 -32.15
C ASP A 59 -45.09 -58.90 -33.37
N LEU A 60 -44.21 -59.88 -33.47
CA LEU A 60 -43.24 -59.91 -34.55
C LEU A 60 -43.65 -60.92 -35.60
N GLY A 61 -44.74 -61.62 -35.29
CA GLY A 61 -45.21 -62.72 -36.12
C GLY A 61 -44.70 -64.03 -35.56
N PRO A 62 -44.87 -65.11 -36.32
CA PRO A 62 -44.55 -66.51 -36.03
C PRO A 62 -43.07 -66.74 -35.81
N CYS A 63 -42.24 -65.93 -36.46
CA CYS A 63 -40.80 -66.15 -36.49
C CYS A 63 -40.23 -66.52 -35.15
N THR A 64 -40.61 -65.78 -34.11
CA THR A 64 -40.13 -65.99 -32.76
C THR A 64 -40.51 -67.36 -32.23
N SER A 65 -41.47 -67.96 -32.90
CA SER A 65 -42.06 -69.22 -32.48
C SER A 65 -41.50 -70.39 -33.29
N LYS A 66 -41.26 -70.20 -34.58
CA LYS A 66 -40.89 -71.33 -35.41
C LYS A 66 -39.50 -71.30 -36.07
N TRP A 67 -38.65 -70.36 -35.67
CA TRP A 67 -37.31 -70.30 -36.24
C TRP A 67 -36.31 -71.15 -35.44
N THR A 68 -36.59 -72.44 -35.34
CA THR A 68 -35.67 -73.37 -34.67
C THR A 68 -34.51 -73.60 -35.61
N VAL A 69 -33.36 -73.89 -35.02
CA VAL A 69 -32.17 -74.15 -35.80
C VAL A 69 -32.48 -75.14 -36.92
N ASP A 70 -33.36 -76.09 -36.62
CA ASP A 70 -33.72 -77.11 -37.61
C ASP A 70 -34.67 -76.55 -38.68
N TYR A 71 -35.53 -75.62 -38.30
CA TYR A 71 -36.44 -75.00 -39.26
C TYR A 71 -35.65 -74.01 -40.11
N LEU A 72 -34.85 -73.21 -39.44
CA LEU A 72 -34.16 -72.09 -40.06
C LEU A 72 -33.25 -72.55 -41.20
N SER A 73 -32.51 -73.63 -40.95
CA SER A 73 -31.63 -74.23 -41.95
C SER A 73 -32.42 -74.63 -43.20
N GLN A 74 -33.57 -75.25 -42.97
CA GLN A 74 -34.42 -75.66 -44.07
C GLN A 74 -34.87 -74.45 -44.90
N VAL A 75 -35.50 -73.49 -44.24
CA VAL A 75 -36.11 -72.35 -44.95
C VAL A 75 -35.11 -71.43 -45.64
N GLY A 76 -34.21 -70.85 -44.86
CA GLY A 76 -33.23 -69.92 -45.38
C GLY A 76 -32.55 -70.38 -46.67
N GLY A 77 -32.04 -71.60 -46.66
CA GLY A 77 -31.40 -72.16 -47.85
C GLY A 77 -29.92 -72.42 -47.66
N LYS A 78 -29.21 -72.51 -48.78
CA LYS A 78 -27.77 -72.78 -48.74
C LYS A 78 -26.98 -71.71 -49.49
N LYS A 79 -27.58 -70.54 -49.68
CA LYS A 79 -26.84 -69.45 -50.31
C LYS A 79 -25.64 -69.06 -49.43
N GLU A 80 -24.54 -68.72 -50.08
CA GLU A 80 -23.31 -68.38 -49.38
C GLU A 80 -23.42 -67.04 -48.62
N VAL A 81 -23.16 -67.10 -47.32
CA VAL A 81 -23.14 -65.93 -46.46
C VAL A 81 -21.75 -65.70 -45.88
N LYS A 82 -21.21 -64.49 -46.03
CA LYS A 82 -19.88 -64.16 -45.51
C LYS A 82 -19.83 -64.25 -44.00
N ILE A 83 -18.93 -65.09 -43.49
CA ILE A 83 -18.85 -65.39 -42.06
C ILE A 83 -17.74 -64.61 -41.35
N HIS A 84 -17.85 -64.49 -40.03
CA HIS A 84 -16.71 -64.15 -39.18
C HIS A 84 -16.40 -65.42 -38.38
N VAL A 85 -15.13 -65.71 -38.13
CA VAL A 85 -14.80 -66.87 -37.31
C VAL A 85 -14.14 -66.53 -35.96
N GLN A 90 -14.15 -63.88 -27.16
CA GLN A 90 -13.81 -62.46 -27.24
C GLN A 90 -12.99 -62.20 -28.50
N MET A 91 -13.46 -61.28 -29.36
CA MET A 91 -12.83 -61.10 -30.66
C MET A 91 -12.08 -59.77 -30.80
N ASP A 92 -10.90 -59.83 -31.39
CA ASP A 92 -10.07 -58.66 -31.63
C ASP A 92 -9.88 -58.43 -33.14
N LYS A 96 -6.70 -58.21 -35.52
CA LYS A 96 -7.37 -59.36 -36.12
C LYS A 96 -7.02 -60.66 -35.40
N ASN A 97 -7.92 -61.12 -34.55
CA ASN A 97 -7.84 -62.49 -34.03
C ASN A 97 -8.99 -63.32 -34.61
N PHE A 98 -9.66 -62.74 -35.60
CA PHE A 98 -10.73 -63.39 -36.34
C PHE A 98 -10.34 -63.37 -37.80
N VAL A 99 -10.84 -64.35 -38.55
CA VAL A 99 -10.65 -64.32 -39.99
C VAL A 99 -12.00 -64.51 -40.65
N TYR A 100 -12.15 -63.90 -41.82
CA TYR A 100 -13.40 -64.05 -42.55
C TYR A 100 -13.38 -65.35 -43.35
N ARG A 101 -14.57 -65.90 -43.58
CA ARG A 101 -14.72 -67.10 -44.36
C ARG A 101 -16.00 -66.98 -45.16
N THR A 102 -16.56 -68.12 -45.56
CA THR A 102 -17.89 -68.16 -46.12
C THR A 102 -18.43 -69.57 -45.86
N LEU A 103 -19.74 -69.75 -46.05
CA LEU A 103 -20.34 -71.07 -45.93
C LEU A 103 -21.79 -71.03 -46.39
N PRO A 104 -22.40 -72.22 -46.56
CA PRO A 104 -23.84 -72.28 -46.86
C PRO A 104 -24.63 -71.87 -45.62
N PHE A 105 -25.57 -70.96 -45.79
CA PHE A 105 -26.34 -70.46 -44.65
C PHE A 105 -26.69 -71.57 -43.66
N ASP A 106 -27.18 -72.69 -44.16
CA ASP A 106 -27.70 -73.77 -43.32
C ASP A 106 -26.65 -74.37 -42.38
N GLN A 107 -25.40 -74.40 -42.84
CA GLN A 107 -24.31 -74.93 -42.04
C GLN A 107 -23.84 -73.88 -41.06
N LEU A 108 -23.99 -72.61 -41.45
CA LEU A 108 -23.63 -71.51 -40.58
C LEU A 108 -24.42 -71.65 -39.29
N VAL A 109 -25.73 -71.74 -39.42
CA VAL A 109 -26.60 -71.85 -38.26
C VAL A 109 -26.28 -73.09 -37.44
N GLN A 110 -26.27 -74.24 -38.12
CA GLN A 110 -26.04 -75.53 -37.45
C GLN A 110 -24.72 -75.58 -36.67
N ARG A 111 -23.70 -74.90 -37.20
CA ARG A 111 -22.39 -74.80 -36.54
C ARG A 111 -22.45 -73.78 -35.41
N ALA A 112 -23.22 -72.71 -35.63
CA ALA A 112 -23.43 -71.68 -34.63
C ALA A 112 -23.98 -72.28 -33.32
N ALA A 113 -24.82 -73.30 -33.45
CA ALA A 113 -25.41 -73.98 -32.30
C ALA A 113 -24.41 -74.92 -31.65
N GLU A 114 -23.72 -75.69 -32.49
CA GLU A 114 -22.69 -76.62 -32.03
C GLU A 114 -21.58 -75.83 -31.35
N LYS A 116 -18.54 -76.30 -29.77
CA LYS A 116 -17.50 -77.13 -30.35
C LYS A 116 -17.99 -77.81 -31.62
N HIS A 117 -17.62 -77.25 -32.77
CA HIS A 117 -18.04 -77.80 -34.06
C HIS A 117 -17.03 -78.81 -34.59
N LYS A 118 -17.53 -79.95 -35.07
CA LYS A 118 -16.69 -81.01 -35.60
C LYS A 118 -15.82 -80.55 -36.77
N GLU A 119 -16.44 -80.30 -37.93
CA GLU A 119 -15.73 -79.73 -39.07
C GLU A 119 -15.39 -78.26 -38.79
N PHE A 120 -14.23 -77.81 -39.25
CA PHE A 120 -13.75 -76.49 -38.84
C PHE A 120 -12.82 -75.81 -39.85
N PHE A 121 -13.00 -74.49 -40.00
CA PHE A 121 -12.13 -73.65 -40.79
C PHE A 121 -10.78 -73.44 -40.10
N VAL A 122 -10.81 -73.32 -38.78
CA VAL A 122 -9.64 -72.89 -38.02
C VAL A 122 -9.36 -73.65 -36.71
N SER A 123 -10.42 -73.99 -35.96
CA SER A 123 -10.25 -74.61 -34.65
C SER A 123 -11.39 -75.58 -34.33
N GLU A 124 -11.13 -76.50 -33.41
CA GLU A 124 -12.17 -77.40 -32.92
C GLU A 124 -13.24 -76.61 -32.15
N ASP A 125 -12.77 -75.70 -31.30
CA ASP A 125 -13.68 -74.85 -30.52
C ASP A 125 -13.91 -73.50 -31.20
N GLU A 126 -14.19 -73.57 -32.50
CA GLU A 126 -14.50 -72.41 -33.33
C GLU A 126 -15.78 -71.71 -32.91
N LYS A 127 -15.81 -70.39 -33.02
CA LYS A 127 -17.05 -69.66 -32.87
C LYS A 127 -17.38 -68.94 -34.19
N TYR A 128 -18.65 -68.92 -34.56
CA TYR A 128 -19.06 -68.33 -35.82
C TYR A 128 -19.87 -67.04 -35.62
N TYR A 129 -20.00 -66.25 -36.68
CA TYR A 129 -20.76 -65.01 -36.57
C TYR A 129 -21.21 -64.48 -37.94
N LEU A 130 -22.51 -64.29 -38.10
CA LEU A 130 -23.02 -63.76 -39.35
C LEU A 130 -23.46 -62.31 -39.20
N ARG A 131 -23.26 -61.54 -40.23
CA ARG A 131 -23.86 -60.22 -40.34
C ARG A 131 -24.23 -60.01 -41.80
N SER A 132 -25.51 -60.16 -42.10
CA SER A 132 -26.00 -60.05 -43.46
C SER A 132 -25.50 -58.85 -44.26
N LEU A 133 -25.30 -59.08 -45.56
CA LEU A 133 -24.91 -58.04 -46.51
C LEU A 133 -25.59 -58.28 -47.87
N GLY A 134 -25.77 -57.21 -48.65
CA GLY A 134 -26.28 -57.32 -50.01
C GLY A 134 -25.41 -58.15 -50.97
N GLU A 135 -25.92 -58.45 -52.17
CA GLU A 135 -25.18 -59.27 -53.14
C GLU A 135 -23.80 -58.68 -53.42
N ASP A 136 -23.80 -57.42 -53.80
CA ASP A 136 -22.58 -56.62 -53.95
C ASP A 136 -22.50 -55.63 -52.78
N PRO A 137 -21.67 -55.96 -51.77
CA PRO A 137 -21.62 -55.26 -50.48
C PRO A 137 -21.26 -53.79 -50.59
N ARG A 138 -20.52 -53.40 -51.63
CA ARG A 138 -20.11 -52.01 -51.78
C ARG A 138 -21.13 -51.25 -52.62
N LYS A 139 -22.16 -51.93 -53.09
CA LYS A 139 -23.17 -51.31 -53.92
C LYS A 139 -24.52 -51.27 -53.21
N ASP A 140 -24.91 -52.38 -52.60
CA ASP A 140 -26.25 -52.50 -52.02
C ASP A 140 -26.29 -52.93 -50.54
N VAL A 141 -27.26 -52.41 -49.80
CA VAL A 141 -27.48 -52.76 -48.39
C VAL A 141 -28.13 -54.14 -48.19
N ALA A 142 -27.94 -54.72 -47.00
CA ALA A 142 -28.63 -55.94 -46.63
C ALA A 142 -30.11 -55.68 -46.42
N ASP A 143 -30.92 -56.71 -46.66
CA ASP A 143 -32.35 -56.56 -46.64
C ASP A 143 -32.97 -57.95 -46.60
N ILE A 144 -33.47 -58.35 -45.44
CA ILE A 144 -34.00 -59.70 -45.25
C ILE A 144 -35.10 -60.04 -46.30
N ARG A 145 -35.81 -59.03 -46.80
CA ARG A 145 -36.79 -59.25 -47.86
C ARG A 145 -36.14 -59.85 -49.11
N LYS A 146 -35.24 -59.08 -49.72
CA LYS A 146 -34.56 -59.50 -50.94
C LYS A 146 -33.82 -60.84 -50.79
N GLN A 147 -33.17 -61.04 -49.64
CA GLN A 147 -32.19 -62.11 -49.51
C GLN A 147 -32.69 -63.37 -48.82
N PHE A 148 -33.62 -63.21 -47.88
CA PHE A 148 -34.28 -64.35 -47.27
C PHE A 148 -35.77 -64.10 -47.34
N PRO A 149 -36.34 -64.17 -48.55
CA PRO A 149 -37.77 -63.99 -48.84
C PRO A 149 -38.68 -64.93 -48.04
N LEU A 150 -38.35 -66.23 -48.04
CA LEU A 150 -39.14 -67.22 -47.34
C LEU A 150 -39.19 -66.95 -45.84
N LEU A 151 -38.05 -66.61 -45.26
CA LEU A 151 -37.99 -66.33 -43.82
C LEU A 151 -38.62 -65.00 -43.51
N LYS A 152 -38.59 -64.08 -44.47
CA LYS A 152 -39.05 -62.73 -44.24
C LYS A 152 -40.54 -62.75 -43.87
N GLY A 153 -41.29 -63.55 -44.63
CA GLY A 153 -42.72 -63.67 -44.43
C GLY A 153 -43.07 -64.12 -43.04
N ASP A 154 -42.07 -64.51 -42.24
CA ASP A 154 -42.29 -64.99 -40.88
C ASP A 154 -42.18 -63.89 -39.82
N ILE A 155 -41.69 -62.72 -40.20
CA ILE A 155 -41.49 -61.65 -39.21
C ILE A 155 -42.11 -60.32 -39.63
N LYS A 156 -42.72 -59.64 -38.68
CA LYS A 156 -43.29 -58.33 -38.91
C LYS A 156 -42.42 -57.28 -38.24
N PHE A 157 -41.69 -56.52 -39.03
CA PHE A 157 -40.93 -55.44 -38.47
C PHE A 157 -41.88 -54.45 -37.79
N PRO A 158 -41.50 -53.97 -36.60
CA PRO A 158 -42.27 -52.93 -35.94
C PRO A 158 -42.42 -51.73 -36.87
N GLU A 159 -43.65 -51.23 -36.99
CA GLU A 159 -43.86 -50.05 -37.81
C GLU A 159 -43.57 -48.74 -37.05
N PHE A 160 -42.30 -48.52 -36.68
CA PHE A 160 -41.96 -47.36 -35.84
C PHE A 160 -41.41 -46.16 -36.59
N PHE A 161 -41.16 -46.35 -37.89
CA PHE A 161 -40.61 -45.29 -38.70
C PHE A 161 -41.34 -45.34 -40.01
N LYS A 162 -41.19 -44.29 -40.81
CA LYS A 162 -41.85 -44.22 -42.10
C LYS A 162 -41.09 -45.00 -43.17
N GLU A 163 -41.83 -45.74 -44.00
CA GLU A 163 -41.28 -46.66 -45.00
C GLU A 163 -40.21 -46.06 -45.92
N GLU A 164 -40.24 -44.74 -46.04
CA GLU A 164 -39.27 -44.02 -46.86
C GLU A 164 -37.93 -43.90 -46.13
N GLN A 165 -37.99 -43.87 -44.79
CA GLN A 165 -36.81 -43.72 -43.95
C GLN A 165 -36.00 -45.02 -43.78
N PHE A 166 -36.59 -46.15 -44.19
CA PHE A 166 -35.89 -47.42 -44.07
C PHE A 166 -34.46 -47.32 -44.60
N PHE A 167 -33.54 -48.05 -43.99
CA PHE A 167 -32.19 -48.12 -44.52
C PHE A 167 -31.74 -49.55 -44.78
N SER A 168 -31.92 -50.42 -43.83
CA SER A 168 -31.42 -51.77 -43.98
C SER A 168 -31.98 -52.70 -42.90
N SER A 169 -32.08 -53.98 -43.22
CA SER A 169 -32.49 -55.01 -42.27
C SER A 169 -31.42 -56.09 -42.31
N VAL A 170 -30.99 -56.54 -41.14
CA VAL A 170 -29.78 -57.35 -41.04
C VAL A 170 -29.92 -58.56 -40.13
N PHE A 171 -29.70 -59.76 -40.67
CA PHE A 171 -29.58 -60.94 -39.82
C PHE A 171 -28.32 -60.93 -38.98
N ARG A 172 -28.46 -61.14 -37.67
CA ARG A 172 -27.31 -61.21 -36.79
C ARG A 172 -27.38 -62.53 -36.07
N ILE A 173 -26.64 -63.51 -36.57
CA ILE A 173 -26.62 -64.81 -35.93
C ILE A 173 -25.23 -65.07 -35.41
N SER A 174 -25.12 -65.22 -34.09
CA SER A 174 -23.81 -65.44 -33.48
C SER A 174 -23.88 -66.71 -32.66
N SER A 175 -22.73 -67.25 -32.27
CA SER A 175 -22.72 -68.44 -31.44
C SER A 175 -22.63 -68.03 -29.98
N PRO A 176 -22.89 -68.98 -29.08
CA PRO A 176 -22.88 -68.76 -27.61
C PRO A 176 -21.56 -68.18 -27.08
N GLY A 177 -21.62 -67.02 -26.44
CA GLY A 177 -20.44 -66.42 -25.84
C GLY A 177 -19.72 -65.33 -26.62
N LEU A 178 -19.92 -65.29 -27.94
CA LEU A 178 -19.20 -64.35 -28.79
C LEU A 178 -19.29 -62.91 -28.27
N GLN A 179 -18.16 -62.20 -28.26
CA GLN A 179 -18.13 -60.81 -27.78
C GLN A 179 -17.76 -59.83 -28.88
N LEU A 180 -18.66 -58.88 -29.14
CA LEU A 180 -18.48 -57.96 -30.25
C LEU A 180 -18.01 -56.58 -29.78
N TRP A 181 -16.84 -56.16 -30.26
CA TRP A 181 -16.34 -54.85 -29.93
C TRP A 181 -17.45 -53.78 -29.90
N THR A 182 -17.19 -52.73 -29.14
CA THR A 182 -18.13 -51.68 -28.87
C THR A 182 -18.13 -50.65 -29.99
N HIS A 183 -19.10 -50.71 -30.89
CA HIS A 183 -19.15 -49.72 -31.96
C HIS A 183 -20.36 -48.84 -31.87
N TYR A 184 -20.49 -47.93 -32.82
CA TYR A 184 -21.65 -47.08 -32.91
C TYR A 184 -22.11 -47.03 -34.39
N ASP A 185 -23.38 -46.72 -34.61
CA ASP A 185 -23.95 -46.68 -35.97
C ASP A 185 -24.57 -45.31 -36.17
N VAL A 186 -24.71 -44.86 -37.40
CA VAL A 186 -25.15 -43.48 -37.63
C VAL A 186 -26.65 -43.40 -37.88
N MET A 187 -27.24 -44.57 -38.12
CA MET A 187 -28.68 -44.73 -38.30
C MET A 187 -29.34 -45.06 -36.96
N ASP A 188 -30.60 -44.69 -36.83
CA ASP A 188 -31.43 -45.24 -35.77
C ASP A 188 -31.60 -46.73 -35.98
N ASN A 189 -31.71 -47.47 -34.89
CA ASN A 189 -31.64 -48.93 -34.94
C ASN A 189 -32.74 -49.57 -34.09
N LEU A 190 -33.34 -50.65 -34.61
CA LEU A 190 -34.17 -51.56 -33.80
C LEU A 190 -33.56 -52.97 -33.71
N LEU A 191 -33.03 -53.35 -32.57
CA LEU A 191 -32.47 -54.71 -32.45
C LEU A 191 -33.52 -55.68 -31.91
N ILE A 192 -34.03 -56.51 -32.80
CA ILE A 192 -35.06 -57.48 -32.49
C ILE A 192 -34.39 -58.78 -32.08
N GLN A 193 -34.63 -59.25 -30.86
CA GLN A 193 -34.11 -60.56 -30.51
C GLN A 193 -35.18 -61.59 -30.81
N VAL A 194 -34.94 -62.45 -31.80
CA VAL A 194 -35.95 -63.42 -32.17
C VAL A 194 -35.83 -64.68 -31.33
N THR A 195 -34.63 -65.24 -31.31
CA THR A 195 -34.38 -66.49 -30.61
C THR A 195 -33.21 -66.27 -29.66
N GLY A 196 -33.25 -66.95 -28.52
CA GLY A 196 -32.14 -66.98 -27.59
C GLY A 196 -31.93 -65.70 -26.81
N LYS A 197 -31.12 -65.76 -25.76
CA LYS A 197 -30.82 -64.57 -24.97
C LYS A 197 -29.60 -63.82 -25.52
N LYS A 198 -29.30 -62.67 -24.91
CA LYS A 198 -28.25 -61.78 -25.39
C LYS A 198 -28.08 -60.59 -24.43
N ARG A 199 -26.90 -60.45 -23.83
CA ARG A 199 -26.60 -59.26 -23.04
C ARG A 199 -26.07 -58.16 -23.96
N VAL A 200 -26.44 -56.91 -23.66
CA VAL A 200 -25.90 -55.74 -24.36
C VAL A 200 -25.79 -54.55 -23.41
N VAL A 201 -24.63 -53.89 -23.45
CA VAL A 201 -24.41 -52.72 -22.62
C VAL A 201 -24.15 -51.57 -23.58
N LEU A 202 -24.61 -50.38 -23.19
CA LEU A 202 -24.60 -49.24 -24.07
C LEU A 202 -23.92 -48.07 -23.38
N PHE A 203 -23.43 -47.10 -24.16
CA PHE A 203 -22.82 -45.89 -23.60
C PHE A 203 -23.34 -44.68 -24.34
N SER A 204 -23.44 -43.55 -23.65
CA SER A 204 -23.93 -42.33 -24.29
C SER A 204 -22.95 -41.79 -25.36
N PRO A 205 -23.50 -41.21 -26.44
CA PRO A 205 -22.60 -40.61 -27.44
C PRO A 205 -21.57 -39.70 -26.76
N ARG A 206 -21.96 -39.03 -25.67
CA ARG A 206 -21.09 -38.07 -25.00
C ARG A 206 -19.97 -38.73 -24.19
N ASP A 207 -20.08 -40.03 -23.96
CA ASP A 207 -18.96 -40.80 -23.43
C ASP A 207 -18.07 -41.26 -24.59
N ALA A 208 -17.96 -40.39 -25.60
CA ALA A 208 -17.07 -40.62 -26.73
C ALA A 208 -15.63 -40.51 -26.28
N GLN A 209 -15.29 -39.37 -25.66
CA GLN A 209 -13.95 -39.14 -25.14
C GLN A 209 -13.37 -40.32 -24.35
N TYR A 210 -14.18 -40.91 -23.46
CA TYR A 210 -13.70 -41.97 -22.60
C TYR A 210 -13.66 -43.28 -23.33
N LEU A 211 -13.88 -43.22 -24.64
CA LEU A 211 -14.08 -44.44 -25.40
C LEU A 211 -12.90 -44.79 -26.30
N TYR A 212 -11.95 -43.87 -26.44
CA TYR A 212 -10.72 -44.15 -27.19
C TYR A 212 -11.08 -44.60 -28.60
N LEU A 213 -11.76 -43.70 -29.32
CA LEU A 213 -12.38 -44.04 -30.59
C LEU A 213 -11.42 -44.16 -31.77
N LYS A 214 -11.13 -45.39 -32.17
CA LYS A 214 -10.45 -45.67 -33.44
C LYS A 214 -11.52 -45.82 -34.50
N GLY A 215 -11.87 -44.73 -35.17
CA GLY A 215 -12.98 -44.73 -36.09
C GLY A 215 -14.30 -44.87 -35.35
N THR A 216 -14.99 -45.98 -35.58
CA THR A 216 -16.29 -46.24 -34.94
C THR A 216 -16.17 -47.28 -33.83
N LYS A 217 -15.07 -48.01 -33.82
CA LYS A 217 -14.85 -49.00 -32.77
C LYS A 217 -14.06 -48.43 -31.59
N SER A 218 -14.27 -49.02 -30.41
CA SER A 218 -13.53 -48.60 -29.23
C SER A 218 -12.52 -49.67 -28.88
N GLU A 219 -11.43 -49.24 -28.25
CA GLU A 219 -10.29 -50.10 -28.02
C GLU A 219 -10.53 -51.15 -26.94
N VAL A 220 -11.39 -50.85 -25.97
CA VAL A 220 -11.57 -51.72 -24.80
C VAL A 220 -12.34 -52.99 -25.13
N LEU A 221 -11.66 -54.12 -25.24
CA LEU A 221 -12.34 -55.34 -25.66
C LEU A 221 -13.20 -55.96 -24.59
N ASN A 222 -12.62 -56.24 -23.42
CA ASN A 222 -13.39 -56.84 -22.35
C ASN A 222 -14.05 -55.78 -21.45
N ILE A 223 -15.31 -55.52 -21.74
CA ILE A 223 -16.10 -54.49 -21.05
C ILE A 223 -16.17 -54.73 -19.54
N ASP A 224 -16.20 -56.00 -19.16
CA ASP A 224 -16.43 -56.41 -17.76
C ASP A 224 -15.34 -55.93 -16.78
N ASN A 225 -14.18 -56.59 -16.82
CA ASN A 225 -13.05 -56.19 -15.97
C ASN A 225 -11.89 -55.62 -16.79
N PRO A 226 -12.00 -54.33 -17.18
CA PRO A 226 -11.08 -53.65 -18.10
C PRO A 226 -9.73 -53.29 -17.48
N ASP A 227 -8.65 -53.54 -18.21
CA ASP A 227 -7.31 -53.17 -17.76
C ASP A 227 -7.18 -51.65 -17.69
N LEU A 228 -7.60 -51.09 -16.56
CA LEU A 228 -7.54 -49.66 -16.33
C LEU A 228 -6.12 -49.17 -16.56
N ALA A 229 -5.17 -50.09 -16.45
CA ALA A 229 -3.78 -49.82 -16.74
C ALA A 229 -3.66 -49.16 -18.11
N LYS A 230 -4.15 -49.88 -19.12
CA LYS A 230 -3.99 -49.47 -20.52
C LYS A 230 -4.87 -48.28 -20.91
N TYR A 231 -6.07 -48.21 -20.32
CA TYR A 231 -6.98 -47.11 -20.62
C TYR A 231 -7.64 -46.61 -19.34
N PRO A 232 -7.04 -45.58 -18.70
CA PRO A 232 -7.61 -45.04 -17.46
C PRO A 232 -9.03 -44.47 -17.62
N LEU A 233 -9.32 -43.85 -18.76
CA LEU A 233 -10.55 -43.07 -18.92
C LEU A 233 -11.84 -43.89 -19.07
N PHE A 234 -11.72 -45.15 -19.45
CA PHE A 234 -12.89 -45.99 -19.72
C PHE A 234 -13.79 -46.15 -18.51
N SER A 235 -13.26 -45.81 -17.34
CA SER A 235 -13.99 -45.95 -16.10
C SER A 235 -14.99 -44.81 -15.82
N LYS A 236 -14.72 -43.62 -16.36
CA LYS A 236 -15.61 -42.49 -16.17
C LYS A 236 -16.88 -42.64 -17.01
N ALA A 237 -16.92 -43.70 -17.81
CA ALA A 237 -18.04 -43.91 -18.74
C ALA A 237 -19.20 -44.58 -18.04
N ARG A 238 -20.35 -43.91 -18.06
CA ARG A 238 -21.56 -44.44 -17.44
C ARG A 238 -22.19 -45.50 -18.34
N ARG A 239 -22.16 -46.75 -17.90
CA ARG A 239 -22.72 -47.79 -18.75
C ARG A 239 -24.18 -48.13 -18.43
N TYR A 240 -24.97 -48.31 -19.49
CA TYR A 240 -26.33 -48.81 -19.37
C TYR A 240 -26.29 -50.26 -19.78
N GLU A 241 -27.00 -51.13 -19.07
CA GLU A 241 -27.04 -52.54 -19.44
C GLU A 241 -28.47 -53.05 -19.56
N CYS A 242 -28.62 -54.20 -20.21
CA CYS A 242 -29.94 -54.81 -20.45
C CYS A 242 -29.74 -56.16 -21.13
N SER A 243 -30.75 -57.04 -21.03
CA SER A 243 -30.68 -58.36 -21.65
C SER A 243 -31.90 -58.71 -22.51
N LEU A 244 -31.73 -58.76 -23.82
CA LEU A 244 -32.82 -59.12 -24.72
C LEU A 244 -33.18 -60.59 -24.62
N GLU A 245 -34.38 -60.86 -24.10
CA GLU A 245 -34.98 -62.19 -24.12
C GLU A 245 -35.73 -62.39 -25.43
N ALA A 246 -35.82 -63.62 -25.91
CA ALA A 246 -36.44 -63.86 -27.23
C ALA A 246 -37.79 -63.12 -27.40
N GLY A 247 -37.91 -62.34 -28.48
CA GLY A 247 -39.04 -61.47 -28.65
C GLY A 247 -38.84 -60.05 -28.15
N ASP A 248 -37.73 -59.74 -27.49
CA ASP A 248 -37.53 -58.36 -27.04
C ASP A 248 -36.97 -57.45 -28.12
N VAL A 249 -37.35 -56.17 -28.08
CA VAL A 249 -36.85 -55.24 -29.06
C VAL A 249 -36.12 -54.10 -28.40
N LEU A 250 -34.85 -53.95 -28.79
CA LEU A 250 -34.05 -52.90 -28.22
C LEU A 250 -33.86 -51.80 -29.24
N PHE A 251 -34.14 -50.59 -28.78
CA PHE A 251 -33.99 -49.42 -29.61
C PHE A 251 -32.65 -48.78 -29.25
N ILE A 252 -31.85 -48.52 -30.27
CA ILE A 252 -30.57 -47.86 -30.11
C ILE A 252 -30.55 -46.59 -30.97
N PRO A 253 -30.81 -45.42 -30.36
CA PRO A 253 -30.76 -44.14 -31.09
C PRO A 253 -29.47 -44.05 -31.90
N ALA A 254 -29.45 -43.22 -32.93
CA ALA A 254 -28.21 -42.96 -33.69
C ALA A 254 -27.10 -42.53 -32.74
N LEU A 255 -25.89 -43.06 -32.93
CA LEU A 255 -24.69 -42.60 -32.22
C LEU A 255 -24.42 -43.30 -30.90
N TRP A 256 -25.39 -44.04 -30.39
CA TRP A 256 -25.20 -44.72 -29.10
C TRP A 256 -24.26 -45.91 -29.20
N PHE A 257 -23.35 -46.01 -28.23
CA PHE A 257 -22.35 -47.08 -28.19
C PHE A 257 -22.92 -48.37 -27.65
N HIS A 258 -22.53 -49.51 -28.21
CA HIS A 258 -23.11 -50.73 -27.68
C HIS A 258 -22.28 -52.02 -27.87
N ASN A 259 -22.26 -52.82 -26.81
CA ASN A 259 -21.57 -54.10 -26.77
C ASN A 259 -22.56 -55.27 -26.65
N VAL A 260 -22.55 -56.18 -27.62
CA VAL A 260 -23.50 -57.29 -27.60
C VAL A 260 -22.84 -58.69 -27.42
N ILE A 261 -23.23 -59.39 -26.36
CA ILE A 261 -22.70 -60.70 -26.03
C ILE A 261 -23.82 -61.72 -26.01
N SER A 262 -23.73 -62.75 -26.85
CA SER A 262 -24.79 -63.74 -26.99
C SER A 262 -24.82 -64.82 -25.89
N GLU A 263 -25.53 -64.55 -24.79
CA GLU A 263 -25.62 -65.50 -23.66
C GLU A 263 -25.79 -66.97 -24.08
N GLU A 264 -26.78 -67.23 -24.91
CA GLU A 264 -26.91 -68.56 -25.50
C GLU A 264 -26.70 -68.39 -26.99
N PHE A 265 -27.06 -69.42 -27.76
CA PHE A 265 -27.13 -69.26 -29.20
C PHE A 265 -28.40 -68.48 -29.50
N GLY A 266 -28.49 -67.92 -30.70
CA GLY A 266 -29.72 -67.27 -31.10
C GLY A 266 -29.61 -66.46 -32.37
N VAL A 267 -30.76 -66.18 -32.97
CA VAL A 267 -30.78 -65.32 -34.12
C VAL A 267 -31.56 -64.05 -33.80
N GLY A 268 -31.03 -62.93 -34.27
CA GLY A 268 -31.68 -61.65 -34.13
C GLY A 268 -31.79 -61.03 -35.50
N VAL A 269 -32.53 -59.93 -35.58
CA VAL A 269 -32.44 -59.06 -36.73
C VAL A 269 -32.53 -57.63 -36.22
N ASN A 270 -31.75 -56.75 -36.81
CA ASN A 270 -31.86 -55.37 -36.44
C ASN A 270 -32.26 -54.56 -37.69
N ILE A 271 -32.92 -53.43 -37.49
CA ILE A 271 -33.36 -52.59 -38.59
C ILE A 271 -32.85 -51.17 -38.45
N PHE A 272 -32.06 -50.74 -39.44
CA PHE A 272 -31.52 -49.40 -39.50
C PHE A 272 -32.47 -48.45 -40.22
N TRP A 273 -32.57 -47.21 -39.75
CA TRP A 273 -33.36 -46.23 -40.48
C TRP A 273 -32.86 -44.80 -40.34
N LYS A 274 -33.09 -44.03 -41.39
CA LYS A 274 -32.56 -42.68 -41.54
C LYS A 274 -33.34 -41.72 -40.66
N HIS A 275 -32.65 -41.12 -39.68
CA HIS A 275 -33.25 -40.15 -38.76
C HIS A 275 -33.31 -38.77 -39.41
N LEU A 276 -32.32 -38.50 -40.26
CA LEU A 276 -32.17 -37.21 -40.90
C LEU A 276 -32.68 -37.29 -42.33
N PRO A 277 -32.96 -36.13 -42.95
CA PRO A 277 -33.34 -36.12 -44.38
C PRO A 277 -32.33 -36.95 -45.16
N SER A 278 -32.80 -37.73 -46.11
CA SER A 278 -31.96 -38.75 -46.77
C SER A 278 -30.71 -38.16 -47.41
N GLU A 279 -30.77 -36.88 -47.76
CA GLU A 279 -29.66 -36.16 -48.39
C GLU A 279 -28.50 -35.88 -47.43
N CYS A 280 -28.77 -35.92 -46.12
CA CYS A 280 -27.78 -35.63 -45.09
C CYS A 280 -26.71 -36.72 -44.90
N TYR A 281 -26.91 -37.88 -45.50
CA TYR A 281 -26.01 -39.02 -45.23
C TYR A 281 -24.95 -39.26 -46.31
N ASP A 282 -24.12 -40.28 -46.09
CA ASP A 282 -23.11 -40.67 -47.05
C ASP A 282 -23.68 -41.65 -48.08
N LYS A 283 -23.58 -41.28 -49.37
CA LYS A 283 -24.04 -42.12 -50.47
C LYS A 283 -23.26 -43.44 -50.55
N THR A 284 -21.95 -43.37 -50.40
CA THR A 284 -21.08 -44.55 -50.46
C THR A 284 -21.51 -45.60 -49.44
N ASP A 285 -22.03 -45.12 -48.32
CA ASP A 285 -22.27 -45.92 -47.12
C ASP A 285 -23.42 -46.94 -47.26
N THR A 286 -23.06 -48.22 -47.31
CA THR A 286 -24.03 -49.31 -47.40
C THR A 286 -23.92 -50.18 -46.15
N TYR A 287 -23.43 -49.58 -45.07
CA TYR A 287 -23.27 -50.26 -43.81
C TYR A 287 -23.97 -49.48 -42.70
N GLY A 288 -24.10 -48.17 -42.89
CA GLY A 288 -24.64 -47.30 -41.85
C GLY A 288 -23.56 -46.92 -40.85
N ASN A 289 -22.33 -46.78 -41.34
CA ASN A 289 -21.18 -46.50 -40.51
C ASN A 289 -20.50 -45.15 -40.77
N LYS A 290 -20.55 -44.68 -42.02
CA LYS A 290 -19.94 -43.41 -42.39
C LYS A 290 -20.78 -42.20 -41.97
N ASP A 291 -20.12 -41.24 -41.33
CA ASP A 291 -20.78 -40.03 -40.82
C ASP A 291 -21.57 -39.33 -41.92
N PRO A 292 -22.57 -38.52 -41.52
CA PRO A 292 -23.25 -37.70 -42.53
C PRO A 292 -22.19 -36.88 -43.24
N THR A 293 -22.39 -36.58 -44.52
CA THR A 293 -21.37 -35.85 -45.26
C THR A 293 -21.00 -34.59 -44.47
N ALA A 294 -22.00 -33.82 -44.08
CA ALA A 294 -21.79 -32.63 -43.24
C ALA A 294 -20.69 -32.82 -42.18
N ALA A 295 -20.76 -33.90 -41.40
CA ALA A 295 -19.71 -34.17 -40.41
C ALA A 295 -18.39 -34.34 -41.13
N SER A 296 -18.38 -35.23 -42.12
CA SER A 296 -17.18 -35.52 -42.90
C SER A 296 -16.61 -34.27 -43.60
N ARG A 297 -17.47 -33.37 -44.05
CA ARG A 297 -17.03 -32.17 -44.76
C ARG A 297 -16.36 -31.20 -43.79
N ALA A 298 -17.07 -30.84 -42.73
CA ALA A 298 -16.54 -29.94 -41.71
C ALA A 298 -15.32 -30.51 -40.99
N ALA A 299 -15.21 -31.84 -40.96
CA ALA A 299 -14.04 -32.49 -40.36
C ALA A 299 -12.82 -32.32 -41.26
N GLN A 300 -13.08 -32.06 -42.54
CA GLN A 300 -12.03 -31.90 -43.54
C GLN A 300 -11.48 -30.49 -43.51
N ILE A 301 -12.36 -29.51 -43.61
CA ILE A 301 -11.94 -28.13 -43.52
C ILE A 301 -11.21 -27.89 -42.18
N LEU A 302 -11.63 -28.59 -41.15
CA LEU A 302 -10.97 -28.59 -39.84
C LEU A 302 -9.50 -28.98 -39.95
N ASP A 303 -9.23 -29.94 -40.83
CA ASP A 303 -7.86 -30.39 -41.08
C ASP A 303 -7.07 -29.35 -41.84
N ARG A 304 -7.79 -28.49 -42.55
CA ARG A 304 -7.20 -27.36 -43.28
C ARG A 304 -6.81 -26.26 -42.30
N ALA A 305 -7.76 -25.81 -41.50
CA ALA A 305 -7.44 -24.90 -40.40
C ALA A 305 -6.17 -25.37 -39.68
N LEU A 306 -6.07 -26.66 -39.38
CA LEU A 306 -4.90 -27.15 -38.67
C LEU A 306 -3.60 -27.08 -39.49
N LYS A 307 -3.70 -27.23 -40.81
CA LYS A 307 -2.52 -27.16 -41.70
C LYS A 307 -1.95 -25.74 -41.74
N THR A 308 -2.84 -24.76 -41.69
CA THR A 308 -2.42 -23.38 -41.50
C THR A 308 -1.72 -23.27 -40.15
N LEU A 309 -2.52 -23.40 -39.08
CA LEU A 309 -2.01 -23.23 -37.73
C LEU A 309 -0.63 -23.86 -37.56
N ALA A 310 -0.45 -25.06 -38.11
CA ALA A 310 0.76 -25.86 -37.85
C ALA A 310 2.10 -25.15 -38.09
N GLU A 311 2.07 -24.04 -38.80
CA GLU A 311 3.30 -23.35 -39.21
C GLU A 311 3.85 -22.30 -38.22
N LEU A 312 3.16 -22.08 -37.10
CA LEU A 312 3.67 -21.24 -36.05
C LEU A 312 4.43 -22.12 -35.10
N PRO A 313 5.48 -21.57 -34.46
CA PRO A 313 6.24 -22.34 -33.46
C PRO A 313 5.27 -23.13 -32.56
N GLU A 314 5.66 -24.34 -32.16
CA GLU A 314 4.74 -25.20 -31.41
C GLU A 314 3.93 -24.36 -30.42
N GLU A 315 4.66 -23.57 -29.62
CA GLU A 315 4.09 -22.79 -28.53
C GLU A 315 2.91 -21.88 -28.87
N TYR A 316 2.91 -21.28 -30.06
CA TYR A 316 1.79 -20.42 -30.46
C TYR A 316 0.67 -21.24 -31.10
N ARG A 317 1.09 -22.36 -31.68
CA ARG A 317 0.21 -23.33 -32.29
C ARG A 317 -0.60 -23.94 -31.15
N ASP A 318 0.11 -24.48 -30.15
CA ASP A 318 -0.57 -24.96 -28.95
C ASP A 318 -1.57 -23.93 -28.47
N PHE A 319 -1.09 -22.72 -28.20
CA PHE A 319 -1.96 -21.69 -27.62
C PHE A 319 -3.25 -21.59 -28.41
N TYR A 320 -3.14 -21.44 -29.72
CA TYR A 320 -4.29 -21.12 -30.56
C TYR A 320 -5.19 -22.34 -30.89
N ALA A 321 -4.63 -23.53 -30.77
CA ALA A 321 -5.40 -24.76 -30.79
C ALA A 321 -6.38 -24.82 -29.60
N ARG A 322 -5.88 -24.59 -28.39
CA ARG A 322 -6.72 -24.56 -27.19
C ARG A 322 -7.74 -23.44 -27.28
N ARG A 323 -7.34 -22.30 -27.82
CA ARG A 323 -8.26 -21.20 -28.01
C ARG A 323 -9.37 -21.66 -28.96
N MET A 324 -9.02 -22.55 -29.88
CA MET A 324 -9.96 -23.14 -30.82
C MET A 324 -10.96 -24.09 -30.13
N VAL A 325 -10.48 -25.10 -29.42
CA VAL A 325 -11.41 -26.04 -28.78
C VAL A 325 -12.33 -25.30 -27.81
N LEU A 326 -11.79 -24.26 -27.18
CA LEU A 326 -12.61 -23.38 -26.35
C LEU A 326 -13.80 -22.90 -27.17
N HIS A 327 -13.52 -22.47 -28.39
CA HIS A 327 -14.54 -21.91 -29.25
C HIS A 327 -15.57 -22.98 -29.63
N ILE A 328 -15.09 -24.11 -30.14
CA ILE A 328 -15.97 -25.19 -30.56
C ILE A 328 -16.87 -25.64 -29.42
N GLN A 329 -16.38 -25.54 -28.19
CA GLN A 329 -17.16 -25.99 -27.05
C GLN A 329 -18.26 -25.01 -26.72
N ASP A 330 -17.91 -23.74 -26.66
CA ASP A 330 -18.91 -22.73 -26.34
C ASP A 330 -20.07 -22.75 -27.34
N LYS A 331 -19.75 -22.93 -28.62
CA LYS A 331 -20.71 -22.75 -29.70
C LYS A 331 -21.40 -24.00 -30.30
N ALA A 332 -20.71 -25.13 -30.37
CA ALA A 332 -21.28 -26.31 -31.03
C ALA A 332 -21.56 -27.45 -30.08
N TYR A 333 -21.18 -27.29 -28.83
CA TYR A 333 -21.55 -28.21 -27.77
C TYR A 333 -23.02 -28.07 -27.43
N SER A 334 -23.55 -28.99 -26.63
CA SER A 334 -24.98 -29.05 -26.28
C SER A 334 -25.82 -27.93 -26.90
N GLN B 27 -2.19 -23.05 -7.42
CA GLN B 27 -0.79 -22.79 -7.05
C GLN B 27 -0.41 -21.32 -7.23
N HIS B 28 0.40 -20.80 -6.31
CA HIS B 28 0.84 -19.42 -6.32
C HIS B 28 2.36 -19.43 -6.29
N LEU B 29 2.96 -19.18 -7.45
CA LEU B 29 4.41 -19.27 -7.60
C LEU B 29 5.04 -17.91 -7.52
N PRO B 30 6.36 -17.86 -7.41
CA PRO B 30 6.99 -16.55 -7.62
C PRO B 30 7.66 -16.48 -8.98
N VAL B 31 7.72 -15.29 -9.55
CA VAL B 31 8.46 -15.01 -10.77
C VAL B 31 9.88 -14.73 -10.29
N PRO B 32 10.84 -15.51 -10.82
CA PRO B 32 12.26 -15.35 -10.52
C PRO B 32 12.69 -13.88 -10.53
N ARG B 33 13.61 -13.51 -9.63
CA ARG B 33 14.19 -12.17 -9.67
C ARG B 33 15.70 -12.25 -9.79
N LEU B 34 16.22 -12.02 -10.98
CA LEU B 34 17.66 -12.09 -11.24
C LEU B 34 18.39 -10.74 -11.30
N GLU B 35 19.55 -10.65 -10.66
CA GLU B 35 20.37 -9.41 -10.69
C GLU B 35 21.64 -9.53 -11.54
N GLY B 36 22.18 -8.41 -11.97
CA GLY B 36 23.32 -8.42 -12.85
C GLY B 36 23.23 -9.34 -14.06
N VAL B 37 22.04 -9.46 -14.65
CA VAL B 37 21.89 -10.25 -15.89
C VAL B 37 22.40 -9.46 -17.10
N SER B 38 23.12 -10.12 -17.99
CA SER B 38 23.76 -9.41 -19.10
C SER B 38 22.93 -9.60 -20.36
N ARG B 39 23.17 -8.72 -21.34
CA ARG B 39 22.50 -8.80 -22.61
C ARG B 39 22.64 -10.19 -23.22
N GLU B 40 23.77 -10.84 -22.97
CA GLU B 40 24.00 -12.13 -23.60
C GLU B 40 23.32 -13.28 -22.84
N GLN B 41 23.43 -13.28 -21.52
CA GLN B 41 22.75 -14.32 -20.74
C GLN B 41 21.26 -14.29 -21.05
N PHE B 42 20.60 -13.17 -20.70
CA PHE B 42 19.20 -13.03 -21.02
C PHE B 42 18.88 -13.54 -22.42
N MET B 43 19.58 -13.01 -23.40
CA MET B 43 19.23 -13.29 -24.78
C MET B 43 19.47 -14.72 -25.21
N GLN B 44 20.48 -15.36 -24.62
CA GLN B 44 20.90 -16.69 -25.03
C GLN B 44 20.36 -17.79 -24.12
N HIS B 45 20.35 -17.51 -22.82
CA HIS B 45 19.94 -18.48 -21.81
C HIS B 45 18.51 -18.23 -21.32
N LEU B 46 18.28 -17.08 -20.71
CA LEU B 46 16.98 -16.79 -20.12
C LEU B 46 15.86 -16.69 -21.17
N TYR B 47 16.05 -15.82 -22.16
CA TYR B 47 14.99 -15.54 -23.16
C TYR B 47 14.29 -16.74 -23.83
N PRO B 48 15.07 -17.73 -24.29
CA PRO B 48 14.46 -18.84 -25.02
C PRO B 48 13.65 -19.75 -24.11
N GLN B 49 13.85 -19.67 -22.80
CA GLN B 49 13.00 -20.37 -21.82
C GLN B 49 11.53 -20.00 -21.96
N ARG B 50 11.22 -18.83 -22.53
CA ARG B 50 9.83 -18.39 -22.70
C ARG B 50 8.99 -18.23 -21.40
N LYS B 51 9.61 -17.85 -20.30
CA LYS B 51 8.89 -17.71 -19.03
C LYS B 51 9.07 -16.31 -18.48
N PRO B 52 8.11 -15.84 -17.66
CA PRO B 52 8.26 -14.56 -16.96
C PRO B 52 9.54 -14.53 -16.16
N LEU B 53 10.10 -13.35 -15.98
CA LEU B 53 11.34 -13.22 -15.27
C LEU B 53 11.51 -11.75 -14.93
N VAL B 54 11.84 -11.43 -13.68
CA VAL B 54 12.18 -10.04 -13.38
C VAL B 54 13.67 -9.82 -13.20
N LEU B 55 14.17 -8.73 -13.77
CA LEU B 55 15.56 -8.33 -13.66
C LEU B 55 15.69 -7.10 -12.74
N GLU B 56 16.57 -7.23 -11.75
CA GLU B 56 16.83 -6.16 -10.78
C GLU B 56 18.07 -5.40 -11.19
N GLY B 57 18.16 -4.14 -10.76
CA GLY B 57 19.38 -3.36 -10.90
C GLY B 57 19.94 -3.07 -12.28
N ILE B 58 19.10 -2.87 -13.29
CA ILE B 58 19.60 -2.52 -14.65
C ILE B 58 19.80 -1.01 -14.80
N ASP B 59 20.87 -0.57 -15.47
CA ASP B 59 21.04 0.86 -15.66
C ASP B 59 19.93 1.33 -16.57
N LEU B 60 18.90 1.94 -15.97
CA LEU B 60 17.76 2.42 -16.73
C LEU B 60 17.98 3.86 -17.22
N GLY B 61 19.13 4.42 -16.89
CA GLY B 61 19.32 5.86 -17.05
C GLY B 61 18.82 6.62 -15.84
N PRO B 62 18.90 7.95 -15.87
CA PRO B 62 18.53 8.81 -14.73
C PRO B 62 17.03 8.92 -14.47
N CYS B 63 16.22 8.38 -15.36
CA CYS B 63 14.76 8.54 -15.24
C CYS B 63 14.30 8.17 -13.85
N THR B 64 14.90 7.11 -13.35
CA THR B 64 14.42 6.47 -12.14
C THR B 64 14.56 7.35 -10.91
N SER B 65 15.58 8.23 -10.91
CA SER B 65 15.71 9.25 -9.87
C SER B 65 15.15 10.65 -10.26
N LYS B 66 15.13 10.99 -11.55
CA LYS B 66 14.60 12.27 -12.01
C LYS B 66 13.07 12.39 -12.09
N TRP B 67 12.40 11.35 -12.60
CA TRP B 67 10.99 11.45 -13.02
C TRP B 67 9.98 11.64 -11.90
N THR B 68 10.09 12.73 -11.16
CA THR B 68 9.06 13.07 -10.19
C THR B 68 7.87 13.70 -10.90
N VAL B 69 6.73 13.74 -10.21
CA VAL B 69 5.52 14.24 -10.86
C VAL B 69 5.75 15.67 -11.32
N ASP B 70 6.48 16.44 -10.53
CA ASP B 70 6.86 17.81 -10.91
C ASP B 70 7.69 17.88 -12.19
N TYR B 71 8.67 16.99 -12.30
CA TYR B 71 9.53 16.96 -13.48
C TYR B 71 8.75 16.53 -14.72
N LEU B 72 7.82 15.59 -14.56
CA LEU B 72 7.17 14.99 -15.72
C LEU B 72 6.18 15.97 -16.31
N SER B 73 5.50 16.70 -15.43
CA SER B 73 4.57 17.72 -15.88
C SER B 73 5.38 18.67 -16.74
N GLN B 74 6.51 19.08 -16.20
CA GLN B 74 7.34 20.02 -16.93
C GLN B 74 7.99 19.43 -18.19
N VAL B 75 8.98 18.56 -18.04
CA VAL B 75 9.68 17.97 -19.19
C VAL B 75 8.81 17.08 -20.07
N GLY B 76 7.73 16.57 -19.49
CA GLY B 76 6.79 15.76 -20.23
C GLY B 76 5.94 16.61 -21.14
N GLY B 77 5.59 17.80 -20.67
CA GLY B 77 4.93 18.78 -21.50
C GLY B 77 3.42 18.80 -21.44
N LYS B 78 2.80 19.35 -22.47
CA LYS B 78 1.36 19.51 -22.49
C LYS B 78 0.75 18.80 -23.68
N LYS B 79 1.54 17.93 -24.29
CA LYS B 79 1.01 17.07 -25.34
C LYS B 79 -0.27 16.46 -24.81
N GLU B 80 -1.38 16.74 -25.49
CA GLU B 80 -2.66 16.18 -25.08
C GLU B 80 -2.70 14.67 -25.33
N VAL B 81 -3.17 13.94 -24.33
CA VAL B 81 -3.15 12.48 -24.37
C VAL B 81 -4.55 11.93 -24.13
N LYS B 82 -4.84 10.80 -24.77
CA LYS B 82 -6.06 10.05 -24.54
C LYS B 82 -5.87 9.29 -23.24
N ILE B 83 -6.93 9.27 -22.42
CA ILE B 83 -6.83 8.87 -21.02
C ILE B 83 -8.02 7.98 -20.62
N HIS B 84 -7.86 7.07 -19.64
CA HIS B 84 -8.99 6.28 -19.15
C HIS B 84 -9.41 6.91 -17.86
N VAL B 85 -10.69 7.19 -17.69
CA VAL B 85 -11.17 7.65 -16.39
C VAL B 85 -12.13 6.67 -15.81
N ALA B 86 -11.95 6.35 -14.54
CA ALA B 86 -12.78 5.35 -13.88
C ALA B 86 -13.19 5.74 -12.47
N ALA B 87 -14.43 5.40 -12.13
CA ALA B 87 -15.00 5.80 -10.86
C ALA B 87 -14.72 4.71 -9.83
N VAL B 88 -14.15 3.61 -10.29
CA VAL B 88 -13.90 2.47 -9.41
C VAL B 88 -12.59 1.77 -9.74
N ALA B 89 -11.80 1.49 -8.71
CA ALA B 89 -10.57 0.74 -8.87
C ALA B 89 -10.64 -0.41 -9.89
N GLN B 90 -11.59 -1.34 -9.71
CA GLN B 90 -11.70 -2.53 -10.57
C GLN B 90 -12.35 -2.17 -11.91
N MET B 91 -11.54 -1.68 -12.86
CA MET B 91 -12.01 -1.34 -14.20
C MET B 91 -12.56 -2.58 -14.86
N ASP B 92 -13.48 -2.42 -15.81
CA ASP B 92 -14.27 -3.52 -16.33
C ASP B 92 -14.64 -3.25 -17.78
N PHE B 93 -14.42 -4.24 -18.65
CA PHE B 93 -14.82 -4.14 -20.07
C PHE B 93 -16.20 -4.77 -20.36
N ILE B 94 -16.59 -5.75 -19.56
CA ILE B 94 -17.91 -6.33 -19.71
C ILE B 94 -18.92 -5.21 -19.49
N SER B 95 -18.84 -4.58 -18.32
CA SER B 95 -19.72 -3.44 -18.00
C SER B 95 -19.17 -2.12 -18.59
N LYS B 96 -17.91 -2.16 -19.02
CA LYS B 96 -17.24 -0.94 -19.46
C LYS B 96 -17.59 0.17 -18.48
N ASN B 97 -17.00 0.09 -17.29
CA ASN B 97 -17.30 1.05 -16.23
C ASN B 97 -16.33 2.23 -16.19
N PHE B 98 -15.71 2.52 -17.34
CA PHE B 98 -14.80 3.65 -17.46
C PHE B 98 -15.05 4.42 -18.77
N VAL B 99 -14.61 5.68 -18.82
CA VAL B 99 -14.82 6.49 -20.01
C VAL B 99 -13.56 7.20 -20.54
N TYR B 100 -13.19 6.92 -21.78
CA TYR B 100 -12.23 7.74 -22.52
C TYR B 100 -12.44 9.26 -22.39
N ARG B 101 -11.33 9.98 -22.25
CA ARG B 101 -11.31 11.41 -22.11
C ARG B 101 -9.96 11.86 -22.66
N THR B 102 -9.71 13.16 -22.64
CA THR B 102 -8.38 13.64 -22.98
C THR B 102 -7.87 14.59 -21.90
N LEU B 103 -6.55 14.69 -21.84
CA LEU B 103 -5.91 15.66 -20.98
C LEU B 103 -4.56 16.06 -21.59
N PRO B 104 -4.09 17.25 -21.19
CA PRO B 104 -2.70 17.63 -21.39
C PRO B 104 -1.91 16.72 -20.46
N PHE B 105 -0.87 16.10 -21.00
CA PHE B 105 0.01 15.24 -20.24
C PHE B 105 0.28 15.74 -18.84
N ASP B 106 0.94 16.88 -18.71
CA ASP B 106 1.23 17.40 -17.37
C ASP B 106 0.03 17.25 -16.45
N GLN B 107 -1.15 17.61 -16.92
CA GLN B 107 -2.35 17.54 -16.07
C GLN B 107 -2.71 16.09 -15.68
N LEU B 108 -2.61 15.16 -16.63
CA LEU B 108 -2.87 13.76 -16.31
C LEU B 108 -1.95 13.31 -15.18
N VAL B 109 -0.63 13.42 -15.39
CA VAL B 109 0.34 13.13 -14.32
C VAL B 109 -0.12 13.70 -12.99
N GLN B 110 -0.30 15.02 -12.97
CA GLN B 110 -0.73 15.72 -11.76
C GLN B 110 -1.95 15.04 -11.11
N ARG B 111 -2.97 14.73 -11.90
CA ARG B 111 -4.14 14.09 -11.31
C ARG B 111 -3.87 12.66 -10.84
N ALA B 112 -3.11 11.91 -11.63
CA ALA B 112 -2.89 10.50 -11.33
C ALA B 112 -2.24 10.38 -9.96
N ALA B 113 -1.53 11.43 -9.58
CA ALA B 113 -0.78 11.41 -8.33
C ALA B 113 -1.58 11.93 -7.12
N GLU B 114 -2.78 12.48 -7.35
CA GLU B 114 -3.67 12.81 -6.25
C GLU B 114 -4.54 11.62 -5.89
N GLU B 115 -5.21 11.74 -4.75
CA GLU B 115 -6.24 10.79 -4.37
C GLU B 115 -7.60 11.42 -4.65
N LYS B 116 -7.87 12.57 -4.02
CA LYS B 116 -9.11 13.34 -4.28
C LYS B 116 -8.87 14.35 -5.41
N HIS B 117 -9.95 14.90 -5.99
CA HIS B 117 -9.81 15.83 -7.12
C HIS B 117 -10.68 17.09 -7.07
N LYS B 118 -10.03 18.24 -7.26
CA LYS B 118 -10.74 19.51 -7.39
C LYS B 118 -11.65 19.41 -8.63
N GLU B 119 -11.05 19.43 -9.81
CA GLU B 119 -11.81 19.20 -11.04
C GLU B 119 -11.72 17.72 -11.43
N PHE B 120 -12.69 17.23 -12.19
CA PHE B 120 -12.76 15.81 -12.56
C PHE B 120 -13.87 15.51 -13.57
N PHE B 121 -13.69 14.45 -14.35
CA PHE B 121 -14.67 14.09 -15.36
C PHE B 121 -15.94 13.42 -14.81
N VAL B 122 -15.84 12.80 -13.64
CA VAL B 122 -16.94 11.97 -13.12
C VAL B 122 -17.14 11.97 -11.59
N SER B 123 -16.05 11.84 -10.85
CA SER B 123 -16.18 11.79 -9.40
C SER B 123 -14.93 12.34 -8.77
N GLU B 124 -15.09 12.94 -7.60
CA GLU B 124 -13.97 13.51 -6.90
C GLU B 124 -12.88 12.44 -6.70
N ASP B 125 -13.30 11.17 -6.67
CA ASP B 125 -12.42 10.05 -6.30
C ASP B 125 -11.99 9.18 -7.47
N GLU B 126 -12.31 9.60 -8.69
CA GLU B 126 -12.04 8.82 -9.89
C GLU B 126 -10.53 8.60 -10.13
N LYS B 127 -10.20 7.44 -10.73
CA LYS B 127 -8.83 6.99 -10.99
C LYS B 127 -8.44 7.19 -12.46
N TYR B 128 -7.16 7.46 -12.73
CA TYR B 128 -6.73 7.67 -14.11
C TYR B 128 -5.80 6.59 -14.65
N TYR B 129 -5.93 6.32 -15.95
CA TYR B 129 -5.04 5.41 -16.64
C TYR B 129 -4.57 5.92 -18.00
N LEU B 130 -3.27 6.11 -18.12
CA LEU B 130 -2.71 6.53 -19.38
C LEU B 130 -2.09 5.32 -20.00
N ARG B 131 -2.33 5.17 -21.29
CA ARG B 131 -1.57 4.25 -22.09
C ARG B 131 -1.26 4.97 -23.41
N SER B 132 -0.07 5.56 -23.43
CA SER B 132 0.49 6.24 -24.59
C SER B 132 0.12 5.59 -25.93
N LEU B 133 -0.40 6.44 -26.81
CA LEU B 133 -0.78 6.08 -28.19
C LEU B 133 0.02 6.88 -29.18
N GLY B 134 0.20 6.34 -30.40
CA GLY B 134 0.78 7.10 -31.51
C GLY B 134 -0.09 8.28 -31.95
N GLU B 135 0.45 9.15 -32.80
CA GLU B 135 -0.29 10.35 -33.23
C GLU B 135 -1.61 9.99 -33.94
N ASP B 136 -1.54 9.01 -34.85
CA ASP B 136 -2.73 8.46 -35.52
C ASP B 136 -2.77 6.96 -35.28
N PRO B 137 -3.43 6.53 -34.21
CA PRO B 137 -3.46 5.12 -33.79
C PRO B 137 -3.85 4.19 -34.92
N ARG B 138 -4.54 4.72 -35.93
CA ARG B 138 -5.01 3.89 -37.03
C ARG B 138 -3.83 3.46 -37.92
N LYS B 139 -2.75 4.27 -37.91
CA LYS B 139 -1.55 4.02 -38.73
C LYS B 139 -0.22 3.92 -37.95
N ASP B 140 -0.16 4.53 -36.76
CA ASP B 140 1.11 4.70 -36.01
C ASP B 140 1.21 3.94 -34.67
N VAL B 141 2.22 3.09 -34.53
CA VAL B 141 2.50 2.48 -33.23
C VAL B 141 3.10 3.52 -32.29
N ALA B 142 2.78 3.46 -31.00
CA ALA B 142 3.39 4.36 -30.03
C ALA B 142 4.90 4.15 -29.85
N ASP B 143 5.60 5.27 -29.74
CA ASP B 143 7.05 5.29 -29.60
C ASP B 143 7.44 6.46 -28.72
N ILE B 144 7.95 6.15 -27.53
CA ILE B 144 8.39 7.12 -26.51
C ILE B 144 9.39 8.11 -27.14
N ARG B 145 10.30 7.55 -27.93
CA ARG B 145 11.23 8.29 -28.78
C ARG B 145 10.52 9.36 -29.59
N LYS B 146 9.58 8.96 -30.44
CA LYS B 146 8.91 9.93 -31.29
C LYS B 146 7.98 10.91 -30.57
N GLN B 147 7.35 10.56 -29.45
CA GLN B 147 6.30 11.43 -28.90
C GLN B 147 6.63 12.20 -27.61
N PHE B 148 7.60 11.69 -26.86
CA PHE B 148 8.15 12.43 -25.72
C PHE B 148 9.66 12.43 -25.89
N PRO B 149 10.13 13.22 -26.83
CA PRO B 149 11.53 13.27 -27.20
C PRO B 149 12.41 13.61 -25.99
N LEU B 150 12.03 14.61 -25.21
CA LEU B 150 12.86 15.06 -24.07
C LEU B 150 13.03 13.99 -22.97
N LEU B 151 11.92 13.33 -22.65
CA LEU B 151 11.91 12.26 -21.68
C LEU B 151 12.70 11.05 -22.15
N LYS B 152 12.50 10.62 -23.39
CA LYS B 152 13.23 9.44 -23.83
C LYS B 152 14.70 9.65 -23.48
N GLY B 153 15.14 10.89 -23.47
CA GLY B 153 16.49 11.17 -23.04
C GLY B 153 16.91 10.55 -21.69
N ASP B 154 15.98 10.46 -20.74
CA ASP B 154 16.32 10.01 -19.39
C ASP B 154 16.29 8.50 -19.23
N ILE B 155 16.00 7.76 -20.30
CA ILE B 155 15.84 6.32 -20.12
C ILE B 155 16.55 5.52 -21.19
N LYS B 156 17.36 4.54 -20.78
CA LYS B 156 18.05 3.64 -21.72
C LYS B 156 17.36 2.28 -21.87
N PHE B 157 16.48 2.14 -22.86
CA PHE B 157 15.87 0.84 -23.10
C PHE B 157 16.88 -0.28 -22.96
N PRO B 158 16.56 -1.32 -22.18
CA PRO B 158 17.43 -2.49 -22.23
C PRO B 158 17.50 -3.05 -23.63
N GLU B 159 18.72 -3.15 -24.14
CA GLU B 159 18.93 -3.67 -25.50
C GLU B 159 18.88 -5.20 -25.45
N PHE B 160 17.67 -5.79 -25.41
CA PHE B 160 17.54 -7.25 -25.19
C PHE B 160 16.93 -8.00 -26.37
N PHE B 161 16.70 -7.28 -27.45
CA PHE B 161 16.14 -7.83 -28.67
C PHE B 161 16.93 -7.20 -29.82
N LYS B 162 16.76 -7.73 -31.03
CA LYS B 162 17.40 -7.13 -32.20
C LYS B 162 16.68 -5.83 -32.54
N GLU B 163 17.46 -4.82 -32.96
CA GLU B 163 16.91 -3.52 -33.32
C GLU B 163 15.73 -3.68 -34.27
N GLU B 164 15.97 -4.34 -35.40
CA GLU B 164 14.97 -4.55 -36.45
C GLU B 164 13.60 -5.00 -35.93
N GLN B 165 13.58 -5.71 -34.81
CA GLN B 165 12.31 -6.24 -34.30
C GLN B 165 11.58 -5.30 -33.32
N PHE B 166 12.20 -4.19 -32.94
CA PHE B 166 11.46 -3.21 -32.14
C PHE B 166 10.10 -2.89 -32.76
N PHE B 167 9.03 -3.16 -32.03
CA PHE B 167 7.70 -2.86 -32.53
C PHE B 167 7.08 -1.56 -31.96
N SER B 168 7.20 -1.36 -30.66
CA SER B 168 6.51 -0.25 -30.01
C SER B 168 7.10 0.09 -28.63
N SER B 169 6.84 1.31 -28.14
CA SER B 169 7.19 1.72 -26.75
C SER B 169 6.19 2.69 -26.15
N VAL B 170 5.62 2.31 -25.00
CA VAL B 170 4.41 2.94 -24.50
C VAL B 170 4.60 3.53 -23.09
N PHE B 171 4.00 4.68 -22.81
CA PHE B 171 3.96 5.14 -21.44
C PHE B 171 2.81 4.51 -20.70
N ARG B 172 3.06 4.11 -19.47
CA ARG B 172 1.99 3.58 -18.63
C ARG B 172 1.99 4.39 -17.37
N ILE B 173 0.89 5.07 -17.14
CA ILE B 173 0.76 5.85 -15.92
C ILE B 173 -0.59 5.64 -15.30
N SER B 174 -0.58 5.32 -14.01
CA SER B 174 -1.83 4.99 -13.35
C SER B 174 -1.92 5.54 -11.96
N SER B 175 -3.15 5.78 -11.55
CA SER B 175 -3.45 6.17 -10.19
C SER B 175 -3.26 4.95 -9.31
N PRO B 176 -2.95 5.20 -8.05
CA PRO B 176 -2.77 4.10 -7.09
C PRO B 176 -4.03 3.25 -6.98
N GLY B 177 -3.89 1.96 -6.81
CA GLY B 177 -5.03 1.12 -6.47
C GLY B 177 -5.98 0.86 -7.63
N LEU B 178 -5.57 1.28 -8.82
CA LEU B 178 -6.30 1.02 -10.05
C LEU B 178 -6.02 -0.37 -10.53
N GLN B 179 -7.07 -1.10 -10.86
CA GLN B 179 -6.83 -2.43 -11.36
C GLN B 179 -7.24 -2.67 -12.80
N LEU B 180 -6.23 -2.72 -13.65
CA LEU B 180 -6.40 -3.10 -15.02
C LEU B 180 -7.00 -4.50 -15.05
N TRP B 181 -7.15 -5.09 -16.23
CA TRP B 181 -7.76 -6.40 -16.35
C TRP B 181 -6.78 -7.40 -16.93
N THR B 182 -7.07 -8.68 -16.78
CA THR B 182 -6.22 -9.73 -17.32
C THR B 182 -6.36 -9.79 -18.82
N HIS B 183 -5.25 -9.57 -19.50
CA HIS B 183 -5.19 -9.65 -20.94
C HIS B 183 -3.86 -10.27 -21.26
N TYR B 184 -3.71 -10.69 -22.50
CA TYR B 184 -2.42 -11.11 -22.97
C TYR B 184 -2.08 -10.18 -24.15
N ASP B 185 -0.85 -10.25 -24.63
CA ASP B 185 -0.35 -9.45 -25.73
C ASP B 185 0.35 -10.39 -26.71
N VAL B 186 0.44 -9.97 -27.96
CA VAL B 186 0.97 -10.85 -28.98
C VAL B 186 2.46 -10.67 -29.17
N MET B 187 2.99 -9.55 -28.68
CA MET B 187 4.43 -9.33 -28.72
C MET B 187 5.11 -9.79 -27.41
N ASP B 188 6.42 -9.93 -27.46
CA ASP B 188 7.17 -10.01 -26.23
C ASP B 188 7.21 -8.59 -25.69
N ASN B 189 7.60 -8.44 -24.43
CA ASN B 189 7.37 -7.18 -23.77
C ASN B 189 8.29 -7.09 -22.58
N LEU B 190 8.93 -5.93 -22.42
CA LEU B 190 9.66 -5.59 -21.20
C LEU B 190 8.90 -4.49 -20.52
N LEU B 191 8.31 -4.77 -19.37
CA LEU B 191 7.62 -3.73 -18.64
C LEU B 191 8.58 -3.08 -17.64
N ILE B 192 8.90 -1.81 -17.86
CA ILE B 192 9.86 -1.14 -17.01
C ILE B 192 9.17 -0.28 -15.97
N GLN B 193 9.36 -0.61 -14.71
CA GLN B 193 8.73 0.08 -13.60
C GLN B 193 9.63 1.24 -13.13
N VAL B 194 9.43 2.46 -13.64
CA VAL B 194 10.35 3.55 -13.30
C VAL B 194 10.13 4.19 -11.91
N THR B 195 8.88 4.30 -11.50
CA THR B 195 8.52 5.04 -10.32
C THR B 195 7.25 4.41 -9.77
N GLY B 196 7.16 4.28 -8.46
CA GLY B 196 6.00 3.64 -7.85
C GLY B 196 6.20 2.14 -7.69
N LYS B 197 5.14 1.44 -7.36
CA LYS B 197 5.25 0.00 -7.09
C LYS B 197 4.02 -0.71 -7.66
N LYS B 198 4.27 -1.82 -8.33
CA LYS B 198 3.29 -2.51 -9.14
C LYS B 198 3.24 -3.97 -8.74
N ARG B 199 2.04 -4.49 -8.43
CA ARG B 199 1.86 -5.91 -8.18
C ARG B 199 1.45 -6.53 -9.52
N VAL B 200 2.09 -7.61 -9.93
CA VAL B 200 1.76 -8.21 -11.23
C VAL B 200 1.59 -9.72 -11.13
N VAL B 201 0.37 -10.22 -11.36
CA VAL B 201 0.24 -11.65 -11.40
C VAL B 201 -0.02 -12.13 -12.84
N LEU B 202 0.68 -13.21 -13.21
CA LEU B 202 0.63 -13.74 -14.54
C LEU B 202 0.13 -15.16 -14.55
N PHE B 203 -0.45 -15.55 -15.69
CA PHE B 203 -0.92 -16.89 -15.94
C PHE B 203 -0.32 -17.45 -17.23
N SER B 204 -0.16 -18.77 -17.31
CA SER B 204 0.46 -19.36 -18.49
C SER B 204 -0.44 -19.27 -19.69
N PRO B 205 0.15 -19.35 -20.88
CA PRO B 205 -0.80 -19.32 -22.00
C PRO B 205 -1.67 -20.59 -22.03
N ARG B 206 -1.15 -21.70 -21.54
CA ARG B 206 -1.97 -22.91 -21.47
C ARG B 206 -3.21 -22.73 -20.58
N ASP B 207 -3.15 -21.79 -19.64
CA ASP B 207 -4.27 -21.54 -18.74
C ASP B 207 -5.46 -20.87 -19.41
N ALA B 208 -5.42 -20.73 -20.73
CA ALA B 208 -6.49 -19.99 -21.41
C ALA B 208 -7.89 -20.53 -21.09
N GLN B 209 -7.97 -21.85 -20.93
CA GLN B 209 -9.21 -22.59 -20.69
C GLN B 209 -9.83 -22.25 -19.35
N TYR B 210 -9.00 -21.85 -18.39
CA TYR B 210 -9.52 -21.47 -17.08
C TYR B 210 -9.92 -20.02 -16.91
N LEU B 211 -9.85 -19.20 -17.95
CA LEU B 211 -9.86 -17.76 -17.72
C LEU B 211 -11.08 -17.02 -18.25
N TYR B 212 -11.95 -17.76 -18.95
CA TYR B 212 -13.22 -17.19 -19.40
C TYR B 212 -12.98 -16.00 -20.34
N LEU B 213 -12.08 -16.18 -21.30
CA LEU B 213 -11.67 -15.08 -22.14
C LEU B 213 -12.80 -14.66 -23.05
N LYS B 214 -12.73 -13.40 -23.46
CA LYS B 214 -13.57 -12.85 -24.49
C LYS B 214 -12.64 -11.93 -25.29
N GLY B 215 -12.10 -12.45 -26.39
CA GLY B 215 -11.03 -11.74 -27.06
C GLY B 215 -9.76 -11.95 -26.24
N THR B 216 -8.86 -10.97 -26.20
CA THR B 216 -7.62 -11.12 -25.44
C THR B 216 -7.87 -10.81 -23.97
N LYS B 217 -9.12 -10.56 -23.61
CA LYS B 217 -9.47 -10.22 -22.23
C LYS B 217 -10.05 -11.43 -21.42
N SER B 218 -10.05 -11.32 -20.10
CA SER B 218 -10.72 -12.31 -19.26
C SER B 218 -11.89 -11.68 -18.50
N GLU B 219 -12.95 -12.45 -18.29
CA GLU B 219 -14.13 -11.93 -17.56
C GLU B 219 -13.93 -11.86 -16.03
N VAL B 220 -13.07 -12.74 -15.51
CA VAL B 220 -12.82 -12.80 -14.08
C VAL B 220 -12.12 -11.51 -13.68
N LEU B 221 -12.82 -10.60 -13.03
CA LEU B 221 -12.20 -9.32 -12.72
C LEU B 221 -11.47 -9.42 -11.44
N ASN B 222 -12.24 -9.66 -10.38
CA ASN B 222 -11.68 -9.93 -9.05
C ASN B 222 -10.93 -11.25 -9.06
N ILE B 223 -9.60 -11.17 -9.07
CA ILE B 223 -8.80 -12.39 -9.13
C ILE B 223 -8.38 -12.90 -7.74
N ASP B 224 -8.50 -12.05 -6.73
CA ASP B 224 -8.14 -12.46 -5.38
C ASP B 224 -9.31 -13.08 -4.63
N ASN B 225 -10.50 -12.56 -4.87
CA ASN B 225 -11.68 -13.12 -4.23
C ASN B 225 -12.68 -13.52 -5.28
N PRO B 226 -12.30 -14.46 -6.13
CA PRO B 226 -13.13 -14.77 -7.31
C PRO B 226 -14.48 -15.41 -6.97
N ASP B 227 -15.49 -14.99 -7.73
CA ASP B 227 -16.84 -15.53 -7.64
C ASP B 227 -16.86 -16.91 -8.29
N LEU B 228 -16.56 -17.94 -7.51
CA LEU B 228 -16.47 -19.32 -8.02
C LEU B 228 -17.82 -19.89 -8.43
N ALA B 229 -18.88 -19.25 -7.94
CA ALA B 229 -20.22 -19.60 -8.37
C ALA B 229 -20.35 -19.32 -9.85
N LYS B 230 -19.74 -18.19 -10.25
CA LYS B 230 -19.83 -17.70 -11.62
C LYS B 230 -18.71 -18.22 -12.52
N TYR B 231 -17.50 -18.29 -11.97
CA TYR B 231 -16.34 -18.73 -12.74
C TYR B 231 -15.67 -19.89 -12.05
N PRO B 232 -16.23 -21.10 -12.19
CA PRO B 232 -15.71 -22.28 -11.49
C PRO B 232 -14.30 -22.72 -11.95
N LEU B 233 -14.04 -22.62 -13.24
CA LEU B 233 -12.81 -23.16 -13.82
C LEU B 233 -11.59 -22.34 -13.40
N PHE B 234 -11.83 -21.08 -13.05
CA PHE B 234 -10.78 -20.17 -12.59
C PHE B 234 -9.91 -20.78 -11.47
N SER B 235 -10.42 -21.87 -10.92
CA SER B 235 -9.83 -22.50 -9.76
C SER B 235 -8.58 -23.27 -10.16
N LYS B 236 -8.60 -23.85 -11.36
CA LYS B 236 -7.50 -24.69 -11.86
C LYS B 236 -6.33 -23.88 -12.37
N ALA B 237 -6.45 -22.55 -12.30
CA ALA B 237 -5.45 -21.63 -12.85
C ALA B 237 -4.25 -21.32 -11.92
N ARG B 238 -3.03 -21.61 -12.38
CA ARG B 238 -1.82 -21.49 -11.56
C ARG B 238 -1.16 -20.15 -11.82
N ARG B 239 -1.05 -19.35 -10.77
CA ARG B 239 -0.69 -17.98 -10.96
C ARG B 239 0.72 -17.62 -10.52
N TYR B 240 1.46 -16.96 -11.39
CA TYR B 240 2.76 -16.44 -11.00
C TYR B 240 2.56 -15.05 -10.42
N GLU B 241 3.32 -14.72 -9.39
CA GLU B 241 3.20 -13.41 -8.77
C GLU B 241 4.57 -12.78 -8.58
N CYS B 242 4.58 -11.45 -8.49
CA CYS B 242 5.81 -10.71 -8.44
C CYS B 242 5.36 -9.29 -8.21
N SER B 243 6.21 -8.51 -7.57
CA SER B 243 5.92 -7.08 -7.38
C SER B 243 7.04 -6.26 -8.01
N LEU B 244 6.70 -5.13 -8.58
CA LEU B 244 7.67 -4.32 -9.27
C LEU B 244 7.92 -3.03 -8.50
N GLU B 245 9.19 -2.86 -8.14
CA GLU B 245 9.63 -1.66 -7.42
C GLU B 245 10.44 -0.80 -8.35
N ALA B 246 10.59 0.47 -8.00
CA ALA B 246 11.31 1.39 -8.88
C ALA B 246 12.66 0.80 -9.29
N GLY B 247 12.98 0.89 -10.57
CA GLY B 247 14.13 0.19 -11.13
C GLY B 247 13.88 -1.22 -11.68
N ASP B 248 12.78 -1.85 -11.31
CA ASP B 248 12.61 -3.25 -11.70
C ASP B 248 12.20 -3.35 -13.17
N VAL B 249 12.71 -4.36 -13.88
CA VAL B 249 12.26 -4.59 -15.24
C VAL B 249 11.63 -5.98 -15.35
N LEU B 250 10.45 -6.07 -15.97
CA LEU B 250 9.79 -7.39 -16.10
C LEU B 250 9.70 -7.92 -17.54
N PHE B 251 10.08 -9.17 -17.73
CA PHE B 251 9.95 -9.78 -19.04
C PHE B 251 8.65 -10.59 -19.11
N ILE B 252 7.79 -10.23 -20.04
CA ILE B 252 6.51 -10.92 -20.24
C ILE B 252 6.45 -11.51 -21.65
N PRO B 253 6.75 -12.80 -21.74
CA PRO B 253 6.65 -13.41 -23.07
C PRO B 253 5.24 -13.27 -23.63
N ALA B 254 5.15 -13.14 -24.96
CA ALA B 254 3.87 -13.16 -25.65
C ALA B 254 2.94 -14.27 -25.13
N LEU B 255 1.65 -13.94 -25.13
CA LEU B 255 0.57 -14.86 -24.82
C LEU B 255 0.34 -15.05 -23.32
N TRP B 256 1.39 -14.80 -22.53
CA TRP B 256 1.26 -14.82 -21.08
C TRP B 256 0.27 -13.80 -20.54
N PHE B 257 -0.77 -14.29 -19.90
CA PHE B 257 -1.76 -13.41 -19.34
C PHE B 257 -1.11 -12.66 -18.16
N HIS B 258 -1.59 -11.46 -17.89
CA HIS B 258 -1.05 -10.72 -16.79
C HIS B 258 -2.05 -9.72 -16.27
N ASN B 259 -1.93 -9.43 -15.00
CA ASN B 259 -2.86 -8.58 -14.35
C ASN B 259 -2.07 -7.65 -13.43
N VAL B 260 -2.09 -6.35 -13.75
CA VAL B 260 -1.33 -5.37 -12.99
C VAL B 260 -2.22 -4.47 -12.11
N ILE B 261 -1.67 -4.07 -10.97
CA ILE B 261 -2.35 -3.21 -10.01
C ILE B 261 -1.27 -2.31 -9.49
N SER B 262 -1.34 -1.04 -9.85
CA SER B 262 -0.40 -0.08 -9.31
C SER B 262 -0.76 0.15 -7.84
N GLU B 263 0.19 -0.04 -6.95
CA GLU B 263 -0.11 -0.05 -5.53
C GLU B 263 -0.09 1.37 -4.99
N GLU B 264 0.81 2.16 -5.54
CA GLU B 264 0.84 3.59 -5.32
C GLU B 264 1.08 4.23 -6.67
N PHE B 265 0.83 5.54 -6.80
CA PHE B 265 1.06 6.22 -8.07
C PHE B 265 2.44 5.93 -8.70
N GLY B 266 2.44 5.43 -9.93
CA GLY B 266 3.71 5.10 -10.56
C GLY B 266 3.79 5.33 -12.05
N VAL B 267 5.02 5.46 -12.55
CA VAL B 267 5.26 5.62 -13.97
C VAL B 267 6.04 4.45 -14.61
N GLY B 268 5.36 3.65 -15.40
CA GLY B 268 6.09 2.67 -16.19
C GLY B 268 6.24 3.03 -17.64
N VAL B 269 7.16 2.37 -18.30
CA VAL B 269 7.18 2.30 -19.74
C VAL B 269 7.44 0.87 -20.14
N ASN B 270 6.96 0.52 -21.32
CA ASN B 270 7.06 -0.84 -21.77
C ASN B 270 7.37 -0.89 -23.27
N ILE B 271 8.06 -1.94 -23.65
CA ILE B 271 8.64 -2.06 -24.96
C ILE B 271 8.19 -3.35 -25.60
N PHE B 272 7.39 -3.28 -26.66
CA PHE B 272 6.98 -4.49 -27.33
C PHE B 272 7.98 -4.77 -28.42
N TRP B 273 8.07 -6.03 -28.81
CA TRP B 273 8.90 -6.39 -29.94
C TRP B 273 8.57 -7.79 -30.42
N LYS B 274 8.89 -8.00 -31.70
CA LYS B 274 8.50 -9.19 -32.46
C LYS B 274 9.40 -10.34 -32.11
N HIS B 275 8.77 -11.47 -31.82
CA HIS B 275 9.47 -12.70 -31.50
C HIS B 275 9.53 -13.53 -32.77
N LEU B 276 8.60 -13.26 -33.68
CA LEU B 276 8.51 -13.99 -34.94
C LEU B 276 8.92 -13.13 -36.11
N PRO B 277 9.20 -13.78 -37.26
CA PRO B 277 9.24 -13.15 -38.58
C PRO B 277 8.21 -12.04 -38.68
N SER B 278 8.66 -10.83 -38.99
CA SER B 278 7.80 -9.65 -39.03
C SER B 278 6.62 -9.88 -39.97
N GLU B 279 6.81 -10.83 -40.88
CA GLU B 279 5.81 -11.16 -41.89
C GLU B 279 4.52 -11.70 -41.26
N CYS B 280 4.70 -12.45 -40.17
CA CYS B 280 3.63 -13.15 -39.47
C CYS B 280 2.58 -12.25 -38.77
N TYR B 281 2.91 -11.00 -38.50
CA TYR B 281 2.00 -10.16 -37.72
C TYR B 281 0.96 -9.45 -38.60
N ASP B 282 -0.09 -8.92 -37.98
CA ASP B 282 -1.15 -8.19 -38.70
C ASP B 282 -0.77 -6.72 -38.89
N LYS B 283 -0.44 -6.35 -40.12
CA LYS B 283 0.06 -5.00 -40.40
C LYS B 283 -0.85 -3.88 -39.88
N THR B 284 -2.14 -4.15 -39.73
CA THR B 284 -3.06 -3.09 -39.31
C THR B 284 -3.03 -2.85 -37.80
N ASP B 285 -2.30 -3.71 -37.09
CA ASP B 285 -2.23 -3.66 -35.62
C ASP B 285 -1.12 -2.76 -35.10
N THR B 286 -1.52 -1.69 -34.42
CA THR B 286 -0.61 -0.69 -33.88
C THR B 286 -0.51 -0.81 -32.36
N TYR B 287 -1.41 -1.62 -31.79
CA TYR B 287 -1.44 -1.87 -30.35
C TYR B 287 -0.56 -3.03 -29.85
N GLY B 288 -0.66 -4.17 -30.53
CA GLY B 288 -0.10 -5.43 -30.03
C GLY B 288 -1.13 -6.50 -29.61
N ASN B 289 -2.42 -6.23 -29.84
CA ASN B 289 -3.48 -7.21 -29.57
C ASN B 289 -3.68 -8.20 -30.68
N LYS B 290 -3.98 -7.68 -31.87
CA LYS B 290 -4.46 -8.54 -32.95
C LYS B 290 -3.55 -9.76 -33.15
N ASP B 291 -4.18 -10.90 -33.32
CA ASP B 291 -3.47 -12.17 -33.31
C ASP B 291 -2.81 -12.42 -34.65
N PRO B 292 -1.70 -13.17 -34.62
CA PRO B 292 -0.90 -13.45 -35.81
C PRO B 292 -1.80 -13.83 -36.97
N THR B 293 -1.61 -13.23 -38.14
CA THR B 293 -2.55 -13.46 -39.23
C THR B 293 -2.89 -14.94 -39.41
N ALA B 294 -1.89 -15.82 -39.43
CA ALA B 294 -2.16 -17.26 -39.58
C ALA B 294 -3.21 -17.79 -38.58
N ALA B 295 -2.95 -17.60 -37.29
CA ALA B 295 -3.91 -17.96 -36.25
C ALA B 295 -5.27 -17.35 -36.52
N SER B 296 -5.30 -16.06 -36.81
CA SER B 296 -6.55 -15.41 -37.19
C SER B 296 -7.21 -16.14 -38.35
N ARG B 297 -6.41 -16.49 -39.36
CA ARG B 297 -6.90 -17.21 -40.53
C ARG B 297 -7.63 -18.49 -40.14
N ALA B 298 -6.92 -19.37 -39.41
CA ALA B 298 -7.49 -20.60 -38.89
C ALA B 298 -8.86 -20.42 -38.21
N ALA B 299 -9.10 -19.29 -37.55
CA ALA B 299 -10.38 -19.07 -36.88
C ALA B 299 -11.56 -18.71 -37.83
N GLN B 300 -11.24 -17.98 -38.90
CA GLN B 300 -12.22 -17.72 -39.96
C GLN B 300 -12.56 -19.04 -40.70
N ILE B 301 -11.55 -19.87 -40.94
CA ILE B 301 -11.72 -21.21 -41.50
C ILE B 301 -12.63 -22.06 -40.61
N LEU B 302 -12.24 -22.16 -39.34
CA LEU B 302 -12.93 -22.91 -38.31
C LEU B 302 -14.36 -22.45 -38.16
N ASP B 303 -14.58 -21.14 -38.16
CA ASP B 303 -15.94 -20.61 -38.09
C ASP B 303 -16.76 -21.10 -39.28
N ARG B 304 -16.08 -21.50 -40.36
CA ARG B 304 -16.73 -22.09 -41.53
C ARG B 304 -17.18 -23.52 -41.26
N ALA B 305 -16.26 -24.34 -40.76
CA ALA B 305 -16.65 -25.67 -40.35
C ALA B 305 -17.84 -25.54 -39.40
N LEU B 306 -17.70 -24.76 -38.33
CA LEU B 306 -18.79 -24.54 -37.38
C LEU B 306 -20.08 -24.00 -37.99
N LYS B 307 -20.05 -23.59 -39.26
CA LYS B 307 -21.24 -23.09 -39.95
C LYS B 307 -21.92 -24.20 -40.74
N THR B 308 -21.11 -25.05 -41.38
CA THR B 308 -21.65 -26.13 -42.19
C THR B 308 -22.24 -27.17 -41.25
N LEU B 309 -21.40 -27.65 -40.34
CA LEU B 309 -21.82 -28.62 -39.35
C LEU B 309 -23.09 -28.13 -38.66
N ALA B 310 -23.15 -26.84 -38.37
CA ALA B 310 -24.26 -26.25 -37.63
C ALA B 310 -25.65 -26.63 -38.15
N GLU B 311 -25.74 -27.03 -39.42
CA GLU B 311 -27.06 -27.39 -39.99
C GLU B 311 -27.37 -28.87 -39.91
N LEU B 312 -26.71 -29.55 -38.97
CA LEU B 312 -27.06 -30.88 -38.53
C LEU B 312 -27.83 -30.73 -37.22
N PRO B 313 -28.82 -31.61 -36.97
CA PRO B 313 -29.49 -31.55 -35.68
C PRO B 313 -28.46 -31.53 -34.54
N GLU B 314 -28.77 -30.88 -33.43
CA GLU B 314 -27.77 -30.68 -32.39
C GLU B 314 -27.32 -31.96 -31.68
N GLU B 315 -28.21 -32.92 -31.55
CA GLU B 315 -27.81 -34.20 -31.01
C GLU B 315 -26.55 -34.65 -31.76
N TYR B 316 -26.62 -34.54 -33.10
CA TYR B 316 -25.56 -34.98 -34.01
C TYR B 316 -24.36 -34.03 -34.02
N ARG B 317 -24.63 -32.77 -34.36
CA ARG B 317 -23.56 -31.77 -34.47
C ARG B 317 -22.70 -31.77 -33.20
N ASP B 318 -23.35 -31.97 -32.06
CA ASP B 318 -22.68 -31.96 -30.78
C ASP B 318 -21.65 -33.07 -30.73
N PHE B 319 -21.99 -34.21 -31.35
CA PHE B 319 -21.17 -35.42 -31.28
C PHE B 319 -19.91 -35.21 -32.06
N TYR B 320 -20.10 -34.52 -33.17
CA TYR B 320 -19.04 -34.22 -34.12
C TYR B 320 -18.16 -33.03 -33.70
N ALA B 321 -18.73 -32.12 -32.92
CA ALA B 321 -17.95 -31.14 -32.17
C ALA B 321 -16.92 -31.84 -31.28
N ARG B 322 -17.38 -32.78 -30.47
CA ARG B 322 -16.52 -33.43 -29.50
C ARG B 322 -15.50 -34.33 -30.20
N ARG B 323 -15.83 -34.73 -31.42
CA ARG B 323 -14.90 -35.46 -32.26
C ARG B 323 -13.78 -34.48 -32.60
N MET B 324 -14.21 -33.34 -33.14
CA MET B 324 -13.34 -32.25 -33.51
C MET B 324 -12.34 -31.83 -32.43
N VAL B 325 -12.78 -31.59 -31.20
CA VAL B 325 -11.81 -31.17 -30.18
C VAL B 325 -10.86 -32.29 -29.80
N LEU B 326 -11.37 -33.52 -29.84
CA LEU B 326 -10.54 -34.69 -29.54
C LEU B 326 -9.39 -34.71 -30.54
N HIS B 327 -9.71 -34.31 -31.76
CA HIS B 327 -8.74 -34.32 -32.86
C HIS B 327 -7.66 -33.25 -32.67
N ILE B 328 -8.10 -32.02 -32.41
CA ILE B 328 -7.21 -30.91 -32.06
C ILE B 328 -6.26 -31.17 -30.86
N GLN B 329 -6.73 -31.78 -29.79
CA GLN B 329 -5.83 -32.03 -28.66
C GLN B 329 -4.72 -33.02 -29.03
N ASP B 330 -4.87 -33.68 -30.17
CA ASP B 330 -3.86 -34.65 -30.61
C ASP B 330 -2.95 -34.12 -31.70
N LYS B 331 -3.55 -33.66 -32.80
CA LYS B 331 -2.79 -33.16 -33.94
C LYS B 331 -2.24 -31.74 -33.74
N ALA B 332 -2.74 -31.01 -32.75
CA ALA B 332 -2.40 -29.58 -32.65
C ALA B 332 -1.93 -29.09 -31.28
N TYR B 333 -2.31 -29.75 -30.20
CA TYR B 333 -1.84 -29.33 -28.88
C TYR B 333 -0.35 -29.50 -28.83
N SER B 334 0.25 -29.18 -27.68
CA SER B 334 1.69 -29.25 -27.54
C SER B 334 2.21 -30.62 -27.95
N LEU C 29 17.16 54.82 15.48
CA LEU C 29 15.99 55.67 15.73
C LEU C 29 16.33 56.98 16.43
N PRO C 30 15.43 57.96 16.28
CA PRO C 30 15.54 59.26 16.93
C PRO C 30 14.72 59.28 18.21
N VAL C 31 15.28 59.86 19.26
CA VAL C 31 14.47 60.12 20.42
C VAL C 31 13.98 61.56 20.31
N PRO C 32 12.65 61.73 20.40
CA PRO C 32 11.87 62.95 20.48
C PRO C 32 12.51 64.10 21.26
N ARG C 33 12.55 65.27 20.62
CA ARG C 33 12.89 66.51 21.31
C ARG C 33 11.67 67.45 21.39
N LEU C 34 11.34 67.89 22.61
CA LEU C 34 10.13 68.64 22.88
C LEU C 34 10.49 69.94 23.55
N GLU C 35 10.02 71.06 23.01
CA GLU C 35 10.22 72.36 23.66
C GLU C 35 8.96 72.85 24.36
N GLY C 36 9.15 73.69 25.37
CA GLY C 36 8.05 74.23 26.13
C GLY C 36 7.12 73.14 26.60
N VAL C 37 7.65 72.23 27.41
CA VAL C 37 6.83 71.20 28.06
C VAL C 37 6.45 71.58 29.49
N SER C 38 5.14 71.56 29.75
CA SER C 38 4.60 71.89 31.06
C SER C 38 4.64 70.67 31.96
N ARG C 39 5.07 70.84 33.21
CA ARG C 39 5.04 69.73 34.15
C ARG C 39 3.70 68.99 33.98
N GLU C 40 2.60 69.72 34.10
CA GLU C 40 1.27 69.14 33.88
C GLU C 40 1.18 68.29 32.60
N GLN C 41 1.80 68.80 31.53
CA GLN C 41 1.83 68.11 30.25
C GLN C 41 2.64 66.81 30.35
N PHE C 42 3.88 66.94 30.84
CA PHE C 42 4.71 65.79 31.17
C PHE C 42 3.89 64.71 31.90
N MET C 43 3.68 64.93 33.20
CA MET C 43 2.87 64.05 34.05
C MET C 43 1.71 63.37 33.34
N GLN C 44 0.88 64.14 32.65
CA GLN C 44 -0.32 63.56 32.06
C GLN C 44 0.01 62.74 30.82
N HIS C 45 0.65 63.39 29.85
CA HIS C 45 0.88 62.80 28.53
C HIS C 45 2.21 62.05 28.40
N LEU C 46 3.32 62.72 28.77
CA LEU C 46 4.67 62.23 28.45
C LEU C 46 5.26 61.12 29.32
N TYR C 47 5.21 61.29 30.64
CA TYR C 47 5.80 60.33 31.56
C TYR C 47 5.17 58.95 31.44
N PRO C 48 3.85 58.87 31.57
CA PRO C 48 3.15 57.60 31.38
C PRO C 48 3.75 56.78 30.26
N GLN C 49 3.95 57.38 29.09
CA GLN C 49 4.43 56.65 27.92
C GLN C 49 5.61 55.70 28.26
N ARG C 50 6.38 56.08 29.28
CA ARG C 50 7.53 55.31 29.73
C ARG C 50 8.61 55.20 28.66
N LYS C 51 8.79 56.27 27.90
CA LYS C 51 9.76 56.25 26.82
C LYS C 51 10.68 57.43 26.97
N PRO C 52 11.94 57.27 26.55
CA PRO C 52 12.93 58.33 26.70
C PRO C 52 12.53 59.47 25.79
N LEU C 53 13.06 60.66 26.06
CA LEU C 53 12.86 61.82 25.22
C LEU C 53 13.55 63.03 25.81
N VAL C 54 14.17 63.82 24.95
CA VAL C 54 14.92 64.99 25.41
C VAL C 54 14.02 66.21 25.43
N LEU C 55 14.14 67.03 26.47
CA LEU C 55 13.42 68.30 26.61
C LEU C 55 14.32 69.53 26.38
N GLU C 56 14.10 70.23 25.26
CA GLU C 56 14.87 71.45 24.94
C GLU C 56 14.48 72.67 25.79
N GLY C 57 15.43 73.61 25.91
CA GLY C 57 15.28 74.83 26.69
C GLY C 57 14.36 74.77 27.89
N ILE C 58 14.84 74.24 29.01
CA ILE C 58 14.05 74.21 30.24
C ILE C 58 14.61 75.28 31.17
N ASP C 59 13.77 75.92 31.97
CA ASP C 59 14.28 77.03 32.78
C ASP C 59 15.07 76.46 33.94
N LEU C 60 16.29 76.00 33.65
CA LEU C 60 17.11 75.38 34.67
C LEU C 60 17.43 76.44 35.71
N GLY C 61 17.22 77.69 35.32
CA GLY C 61 17.60 78.84 36.13
C GLY C 61 18.97 79.33 35.72
N PRO C 62 19.49 80.33 36.42
CA PRO C 62 20.80 80.94 36.16
C PRO C 62 21.98 79.95 35.99
N CYS C 63 21.78 78.71 36.40
CA CYS C 63 22.86 77.75 36.53
C CYS C 63 23.71 77.51 35.27
N THR C 64 23.09 77.54 34.10
CA THR C 64 23.80 77.03 32.92
C THR C 64 24.98 77.88 32.44
N SER C 65 24.71 79.12 32.03
CA SER C 65 25.80 80.00 31.59
C SER C 65 26.66 80.39 32.79
N LYS C 66 26.00 80.61 33.92
CA LYS C 66 26.65 81.12 35.12
C LYS C 66 27.69 80.17 35.73
N TRP C 67 27.39 78.87 35.78
CA TRP C 67 28.26 77.90 36.47
C TRP C 67 29.56 77.55 35.73
N THR C 68 30.50 78.50 35.78
CA THR C 68 31.80 78.44 35.10
C THR C 68 32.83 77.65 35.89
N VAL C 69 33.80 77.06 35.18
CA VAL C 69 34.85 76.26 35.81
C VAL C 69 35.44 76.94 37.04
N ASP C 70 35.80 78.21 36.90
CA ASP C 70 36.34 78.96 38.03
C ASP C 70 35.25 79.25 39.06
N TYR C 71 34.03 79.46 38.60
CA TYR C 71 32.93 79.84 39.50
C TYR C 71 32.51 78.70 40.42
N LEU C 72 32.42 77.49 39.88
CA LEU C 72 32.04 76.34 40.68
C LEU C 72 33.16 76.05 41.68
N SER C 73 34.38 76.33 41.27
CA SER C 73 35.52 76.28 42.18
C SER C 73 35.15 77.10 43.41
N GLN C 74 34.77 78.35 43.17
CA GLN C 74 34.35 79.24 44.26
C GLN C 74 33.00 78.82 44.81
N VAL C 81 34.82 65.07 47.11
CA VAL C 81 34.62 63.70 47.56
C VAL C 81 35.27 62.68 46.63
N LYS C 82 34.75 61.46 46.64
CA LYS C 82 35.35 60.36 45.89
C LYS C 82 35.33 60.63 44.39
N ILE C 83 36.53 60.77 43.82
CA ILE C 83 36.68 61.05 42.39
C ILE C 83 37.20 59.83 41.67
N HIS C 84 36.62 59.52 40.51
CA HIS C 84 36.98 58.30 39.81
C HIS C 84 37.77 58.60 38.54
N VAL C 85 39.08 58.66 38.65
CA VAL C 85 39.91 58.96 37.47
C VAL C 85 40.19 57.71 36.66
N ALA C 86 39.80 57.74 35.40
CA ALA C 86 40.06 56.63 34.50
C ALA C 86 41.11 57.08 33.49
N ALA C 87 42.12 56.27 33.26
CA ALA C 87 43.26 56.73 32.47
C ALA C 87 43.20 56.36 30.99
N VAL C 88 42.09 55.77 30.55
CA VAL C 88 41.84 55.63 29.12
C VAL C 88 40.34 55.73 28.85
N ARG C 101 40.10 57.39 44.46
CA ARG C 101 40.94 58.52 44.84
C ARG C 101 40.11 59.55 45.60
N THR C 102 40.80 60.55 46.13
CA THR C 102 40.13 61.62 46.87
C THR C 102 40.55 62.98 46.31
N LEU C 103 39.56 63.78 45.91
CA LEU C 103 39.80 65.10 45.37
C LEU C 103 38.95 66.12 46.11
N PRO C 104 39.33 67.41 46.03
CA PRO C 104 38.55 68.46 46.66
C PRO C 104 37.56 69.05 45.67
N PHE C 105 36.48 69.64 46.19
CA PHE C 105 35.40 70.16 45.35
C PHE C 105 35.90 70.97 44.15
N ASP C 106 36.90 71.83 44.39
CA ASP C 106 37.27 72.85 43.43
C ASP C 106 38.34 72.41 42.43
N GLN C 107 39.24 71.53 42.87
CA GLN C 107 40.37 71.11 42.04
C GLN C 107 40.00 69.94 41.12
N LEU C 108 38.89 69.29 41.43
CA LEU C 108 38.38 68.20 40.62
C LEU C 108 38.04 68.73 39.23
N VAL C 109 37.01 69.56 39.18
CA VAL C 109 36.58 70.16 37.92
C VAL C 109 37.74 70.80 37.13
N GLN C 110 38.65 71.45 37.84
CA GLN C 110 39.79 72.11 37.21
C GLN C 110 40.73 71.10 36.54
N ARG C 111 40.89 69.93 37.15
CA ARG C 111 41.71 68.89 36.57
C ARG C 111 40.92 68.16 35.49
N ALA C 112 39.59 68.21 35.61
CA ALA C 112 38.72 67.60 34.62
C ALA C 112 38.80 68.36 33.30
N ALA C 113 38.45 69.64 33.33
CA ALA C 113 38.43 70.48 32.13
C ALA C 113 39.76 70.42 31.37
N GLU C 114 40.86 70.55 32.09
CA GLU C 114 42.17 70.52 31.47
C GLU C 114 42.28 69.31 30.55
N GLU C 115 42.00 68.13 31.06
CA GLU C 115 41.90 66.93 30.22
C GLU C 115 42.93 66.97 29.09
N VAL C 122 47.62 59.21 38.11
CA VAL C 122 48.02 57.91 37.57
C VAL C 122 48.76 58.08 36.25
N SER C 123 48.58 59.23 35.63
CA SER C 123 49.32 59.62 34.44
C SER C 123 48.80 60.98 34.03
N GLU C 124 49.61 61.76 33.32
CA GLU C 124 49.28 63.17 33.10
C GLU C 124 48.07 63.38 32.18
N ASP C 125 47.58 62.31 31.56
CA ASP C 125 46.47 62.43 30.61
C ASP C 125 45.16 61.82 31.11
N GLU C 126 44.99 61.75 32.42
CA GLU C 126 43.80 61.14 33.03
C GLU C 126 42.51 61.88 32.70
N LYS C 127 41.39 61.15 32.71
CA LYS C 127 40.06 61.73 32.60
C LYS C 127 39.38 61.71 33.97
N TYR C 128 38.41 62.61 34.18
CA TYR C 128 37.72 62.75 35.47
C TYR C 128 36.22 62.44 35.35
N TYR C 129 35.61 61.87 36.39
CA TYR C 129 34.20 61.49 36.28
C TYR C 129 33.50 61.23 37.61
N LEU C 130 33.42 62.26 38.46
CA LEU C 130 32.92 62.09 39.83
C LEU C 130 31.39 62.10 39.98
N ARG C 131 30.86 61.09 40.65
CA ARG C 131 29.43 61.01 40.93
C ARG C 131 29.13 61.33 42.41
N SER C 132 28.24 62.30 42.62
CA SER C 132 27.93 62.82 43.96
C SER C 132 27.23 61.84 44.88
N LEU C 133 27.92 61.41 45.93
CA LEU C 133 27.31 60.57 46.96
C LEU C 133 26.93 61.41 48.19
N GLY C 134 26.11 60.84 49.06
CA GLY C 134 25.68 61.54 50.27
C GLY C 134 26.75 61.53 51.35
N GLU C 135 26.56 62.37 52.37
CA GLU C 135 27.52 62.48 53.47
C GLU C 135 27.98 61.10 53.94
N ASP C 136 27.04 60.17 54.06
CA ASP C 136 27.35 58.80 54.43
C ASP C 136 26.86 57.83 53.35
N PRO C 137 27.79 57.34 52.51
CA PRO C 137 27.47 56.38 51.46
C PRO C 137 26.55 55.27 51.96
N ASP C 143 21.29 64.09 47.68
CA ASP C 143 20.58 65.36 47.45
C ASP C 143 21.59 66.48 47.26
N ILE C 144 21.24 67.43 46.40
CA ILE C 144 22.07 68.60 46.13
C ILE C 144 21.90 69.62 47.24
N ARG C 145 20.66 69.83 47.64
CA ARG C 145 20.35 70.78 48.70
C ARG C 145 21.05 70.39 50.01
N LYS C 146 21.63 69.20 50.06
CA LYS C 146 22.36 68.75 51.25
C LYS C 146 23.87 68.99 51.10
N GLN C 147 24.44 68.57 49.98
CA GLN C 147 25.89 68.66 49.75
C GLN C 147 26.35 70.03 49.23
N PHE C 148 25.53 70.66 48.40
CA PHE C 148 25.81 72.02 47.95
C PHE C 148 24.55 72.89 48.07
N PRO C 149 24.42 73.61 49.19
CA PRO C 149 23.27 74.49 49.42
C PRO C 149 23.38 75.79 48.64
N LEU C 150 24.61 76.16 48.28
CA LEU C 150 24.87 77.36 47.51
C LEU C 150 24.36 77.20 46.08
N LEU C 151 25.08 76.43 45.27
CA LEU C 151 24.71 76.29 43.87
C LEU C 151 23.37 75.59 43.65
N LYS C 152 22.75 75.12 44.72
CA LYS C 152 21.38 74.58 44.65
C LYS C 152 20.39 75.68 44.33
N GLY C 153 20.64 76.86 44.85
CA GLY C 153 19.77 78.01 44.63
C GLY C 153 19.77 78.49 43.19
N ASP C 154 20.85 78.22 42.46
CA ASP C 154 20.97 78.69 41.08
C ASP C 154 20.15 77.85 40.11
N ILE C 155 20.02 76.56 40.39
CA ILE C 155 19.18 75.72 39.55
C ILE C 155 17.82 75.47 40.18
N LYS C 156 16.77 75.57 39.37
CA LYS C 156 15.42 75.26 39.83
C LYS C 156 15.06 73.86 39.34
N PHE C 157 15.16 72.88 40.24
CA PHE C 157 14.94 71.48 39.87
C PHE C 157 13.67 71.28 39.06
N PRO C 158 13.81 70.59 37.93
CA PRO C 158 12.61 70.32 37.16
C PRO C 158 11.61 69.59 38.04
N GLU C 159 10.47 70.22 38.37
CA GLU C 159 9.47 69.52 39.18
C GLU C 159 8.52 68.69 38.31
N PHE C 160 8.90 67.43 38.15
CA PHE C 160 8.27 66.49 37.23
C PHE C 160 7.56 65.36 37.96
N PHE C 161 7.48 65.48 39.27
CA PHE C 161 6.93 64.41 40.09
C PHE C 161 6.42 64.95 41.42
N LYS C 162 5.76 64.10 42.19
CA LYS C 162 5.32 64.46 43.53
C LYS C 162 6.52 64.52 44.47
N GLU C 163 6.47 65.39 45.46
CA GLU C 163 7.58 65.58 46.38
C GLU C 163 7.91 64.30 47.13
N GLU C 164 6.87 63.53 47.46
CA GLU C 164 7.04 62.29 48.21
C GLU C 164 7.50 61.14 47.32
N GLN C 165 7.70 61.43 46.03
CA GLN C 165 8.27 60.47 45.08
C GLN C 165 9.74 60.78 44.84
N PHE C 166 10.16 61.94 45.31
CA PHE C 166 11.56 62.34 45.23
C PHE C 166 12.49 61.28 45.82
N PHE C 167 13.57 60.96 45.11
CA PHE C 167 14.50 59.95 45.58
C PHE C 167 15.88 60.50 45.92
N SER C 168 16.50 61.20 45.00
CA SER C 168 17.91 61.52 45.15
C SER C 168 18.23 62.60 44.14
N SER C 169 19.27 63.40 44.38
CA SER C 169 19.71 64.35 43.36
C SER C 169 21.23 64.48 43.30
N VAL C 170 21.81 64.04 42.19
CA VAL C 170 23.24 63.73 42.10
C VAL C 170 24.02 64.52 41.05
N PHE C 171 25.26 64.89 41.37
CA PHE C 171 26.15 65.56 40.42
C PHE C 171 26.80 64.57 39.47
N ARG C 172 27.28 65.05 38.34
CA ARG C 172 27.82 64.17 37.32
C ARG C 172 28.76 64.91 36.40
N ILE C 173 29.99 65.04 36.83
CA ILE C 173 30.95 65.86 36.10
C ILE C 173 32.05 65.01 35.45
N SER C 174 32.20 65.14 34.14
CA SER C 174 32.97 64.17 33.38
C SER C 174 34.02 64.82 32.51
N SER C 175 34.55 64.05 31.56
CA SER C 175 35.61 64.54 30.68
C SER C 175 35.46 64.04 29.25
N PRO C 176 36.03 64.81 28.30
CA PRO C 176 35.71 64.77 26.86
C PRO C 176 36.51 63.79 26.02
N GLY C 177 36.67 62.57 26.50
CA GLY C 177 37.36 61.57 25.70
C GLY C 177 36.42 60.76 24.85
N LEU C 178 35.93 59.67 25.42
CA LEU C 178 34.97 58.82 24.73
C LEU C 178 34.77 57.51 25.47
N TRP C 181 29.76 53.22 30.99
CA TRP C 181 29.30 51.91 30.53
C TRP C 181 27.77 51.83 30.43
N THR C 182 27.30 50.99 29.51
CA THR C 182 25.87 50.78 29.29
C THR C 182 25.18 50.20 30.52
N HIS C 183 24.71 51.04 31.44
CA HIS C 183 24.05 50.49 32.63
C HIS C 183 22.52 50.53 32.58
N TYR C 184 21.89 50.47 33.74
CA TYR C 184 20.44 50.68 33.86
C TYR C 184 20.14 51.11 35.29
N ASP C 185 19.00 51.75 35.51
CA ASP C 185 18.66 52.22 36.84
C ASP C 185 17.30 51.69 37.25
N VAL C 186 17.15 51.45 38.53
CA VAL C 186 15.86 51.08 39.08
C VAL C 186 15.03 52.35 39.12
N MET C 187 15.72 53.47 39.01
CA MET C 187 15.08 54.77 39.17
C MET C 187 15.00 55.50 37.85
N ASP C 188 13.79 55.98 37.54
CA ASP C 188 13.56 56.96 36.51
C ASP C 188 14.48 58.11 36.82
N ASN C 189 15.20 58.62 35.81
CA ASN C 189 16.13 59.74 36.04
C ASN C 189 16.25 60.82 34.95
N LEU C 190 15.63 61.99 35.21
CA LEU C 190 15.78 63.21 34.37
C LEU C 190 17.23 63.69 34.32
N LEU C 191 18.03 63.20 33.37
CA LEU C 191 19.45 63.63 33.26
C LEU C 191 19.66 65.06 32.73
N ILE C 192 19.61 66.03 33.66
CA ILE C 192 19.86 67.44 33.37
C ILE C 192 21.30 67.67 32.88
N GLN C 193 21.45 68.45 31.83
CA GLN C 193 22.80 68.73 31.36
C GLN C 193 22.98 70.24 31.42
N VAL C 194 24.07 70.69 32.05
CA VAL C 194 24.27 72.13 32.30
C VAL C 194 25.45 72.73 31.54
N THR C 195 26.11 71.93 30.70
CA THR C 195 27.29 72.43 30.01
C THR C 195 27.73 71.46 28.92
N GLY C 196 28.54 71.95 27.98
CA GLY C 196 29.16 71.12 26.95
C GLY C 196 28.20 70.30 26.13
N LYS C 197 28.70 69.35 25.35
CA LYS C 197 27.85 68.37 24.66
C LYS C 197 28.09 66.90 25.12
N LYS C 198 27.08 66.04 24.99
CA LYS C 198 27.19 64.58 25.23
C LYS C 198 26.31 63.80 24.25
N ARG C 199 26.80 62.70 23.70
CA ARG C 199 25.94 61.83 22.87
C ARG C 199 25.39 60.66 23.71
N VAL C 200 24.11 60.36 23.54
CA VAL C 200 23.49 59.34 24.36
C VAL C 200 22.73 58.38 23.46
N VAL C 201 23.04 57.10 23.56
CA VAL C 201 22.33 56.09 22.80
C VAL C 201 21.71 55.13 23.79
N LEU C 202 20.55 54.59 23.42
CA LEU C 202 19.83 53.74 24.35
C LEU C 202 19.19 52.55 23.66
N PHE C 203 18.85 51.56 24.47
CA PHE C 203 18.17 50.39 23.99
C PHE C 203 17.03 50.08 24.92
N SER C 204 15.92 49.68 24.33
CA SER C 204 14.74 49.21 25.04
C SER C 204 15.05 48.12 26.04
N PRO C 205 14.40 48.16 27.22
CA PRO C 205 14.59 47.16 28.28
C PRO C 205 14.38 45.71 27.80
N ARG C 206 13.67 45.58 26.69
CA ARG C 206 13.29 44.28 26.11
C ARG C 206 14.44 43.73 25.27
N ASP C 207 15.50 44.51 25.15
CA ASP C 207 16.69 44.05 24.46
C ASP C 207 17.74 43.51 25.45
N ALA C 208 17.26 43.06 26.60
CA ALA C 208 18.14 42.55 27.68
C ALA C 208 19.06 41.43 27.19
N GLN C 209 18.46 40.40 26.59
CA GLN C 209 19.21 39.26 26.10
C GLN C 209 20.31 39.63 25.10
N TYR C 210 20.21 40.80 24.49
CA TYR C 210 21.24 41.21 23.51
C TYR C 210 22.36 42.05 24.13
N LEU C 211 22.33 42.23 25.45
CA LEU C 211 23.25 43.18 26.08
C LEU C 211 24.30 42.59 27.03
N TYR C 212 24.39 41.27 27.12
CA TYR C 212 25.50 40.62 27.83
C TYR C 212 25.74 41.27 29.17
N LEU C 213 24.67 41.57 29.89
CA LEU C 213 24.79 42.27 31.16
C LEU C 213 25.60 41.47 32.17
N LYS C 214 25.95 42.12 33.27
CA LYS C 214 26.59 41.47 34.40
C LYS C 214 26.29 42.36 35.59
N GLY C 215 25.12 42.16 36.20
CA GLY C 215 24.58 43.15 37.12
C GLY C 215 24.06 44.29 36.27
N THR C 216 23.66 45.40 36.90
CA THR C 216 23.11 46.55 36.16
C THR C 216 23.94 46.95 34.93
N LYS C 217 25.25 46.73 34.97
CA LYS C 217 26.10 47.11 33.86
C LYS C 217 26.10 46.06 32.75
N SER C 218 26.52 46.46 31.55
CA SER C 218 26.83 45.52 30.49
C SER C 218 28.33 45.55 30.34
N GLU C 219 28.87 44.53 29.69
CA GLU C 219 30.30 44.48 29.48
C GLU C 219 30.66 44.86 28.05
N VAL C 220 29.64 44.94 27.19
CA VAL C 220 29.87 45.27 25.79
C VAL C 220 30.38 46.71 25.66
N ASN C 222 32.86 47.99 23.74
CA ASN C 222 32.84 48.98 22.67
C ASN C 222 31.53 48.86 21.92
N ILE C 223 30.74 49.93 21.95
CA ILE C 223 29.37 49.89 21.42
C ILE C 223 29.22 50.55 20.05
N ASP C 224 30.12 51.47 19.73
CA ASP C 224 30.14 52.08 18.39
C ASP C 224 30.67 51.07 17.38
N ASN C 225 31.84 50.52 17.66
CA ASN C 225 32.44 49.43 16.89
C ASN C 225 32.55 48.19 17.76
N PRO C 226 31.39 47.55 18.05
CA PRO C 226 31.28 46.39 18.94
C PRO C 226 32.00 45.12 18.47
N ASP C 227 32.58 44.39 19.42
CA ASP C 227 33.28 43.13 19.15
C ASP C 227 32.28 42.00 18.85
N LEU C 228 31.90 41.87 17.59
CA LEU C 228 30.95 40.85 17.13
C LEU C 228 31.36 39.44 17.55
N ALA C 229 32.62 39.11 17.28
CA ALA C 229 33.19 37.82 17.65
C ALA C 229 32.78 37.47 19.08
N LYS C 230 33.19 38.32 20.01
CA LYS C 230 32.84 38.18 21.41
C LYS C 230 31.33 38.22 21.62
N TYR C 231 30.72 39.37 21.30
CA TYR C 231 29.28 39.55 21.46
C TYR C 231 28.57 39.61 20.11
N PRO C 232 27.94 38.49 19.68
CA PRO C 232 27.28 38.43 18.38
C PRO C 232 25.78 38.77 18.41
N LEU C 233 25.24 39.05 19.60
CA LEU C 233 23.83 39.40 19.74
C LEU C 233 23.58 40.91 19.94
N PHE C 234 24.63 41.67 20.22
CA PHE C 234 24.53 43.13 20.25
C PHE C 234 24.23 43.66 18.85
N SER C 235 23.55 42.86 18.05
CA SER C 235 23.29 43.20 16.65
C SER C 235 21.82 43.33 16.35
N LYS C 236 20.98 42.62 17.09
CA LYS C 236 19.55 42.70 16.88
C LYS C 236 18.90 43.66 17.89
N ALA C 237 19.71 44.55 18.47
CA ALA C 237 19.22 45.53 19.45
C ALA C 237 18.96 46.91 18.83
N ARG C 238 17.69 47.30 18.73
CA ARG C 238 17.32 48.59 18.13
C ARG C 238 17.85 49.78 18.94
N ARG C 239 18.77 50.52 18.34
CA ARG C 239 19.45 51.64 18.97
C ARG C 239 18.69 52.95 18.78
N TYR C 240 18.59 53.73 19.85
CA TYR C 240 18.06 55.09 19.77
C TYR C 240 19.21 56.04 20.01
N GLU C 241 19.30 57.06 19.17
CA GLU C 241 20.37 58.02 19.25
C GLU C 241 19.80 59.38 19.62
N CYS C 242 20.67 60.26 20.09
CA CYS C 242 20.36 61.67 20.30
C CYS C 242 21.59 62.35 20.88
N SER C 243 21.66 63.68 20.75
CA SER C 243 22.76 64.45 21.33
C SER C 243 22.27 65.56 22.26
N LEU C 244 23.02 65.86 23.31
CA LEU C 244 22.59 66.91 24.23
C LEU C 244 23.51 68.13 24.25
N GLU C 245 23.05 69.25 23.69
CA GLU C 245 23.71 70.55 23.87
C GLU C 245 23.22 71.26 25.14
N ALA C 246 24.02 72.20 25.64
CA ALA C 246 23.81 72.74 26.98
C ALA C 246 22.37 73.20 27.16
N GLY C 247 21.82 73.00 28.35
CA GLY C 247 20.40 73.29 28.58
C GLY C 247 19.45 72.15 28.29
N ASP C 248 19.93 71.14 27.54
CA ASP C 248 19.13 69.95 27.23
C ASP C 248 18.93 68.96 28.41
N VAL C 249 17.78 68.30 28.44
CA VAL C 249 17.48 67.42 29.54
C VAL C 249 16.87 66.09 29.09
N LEU C 250 17.68 65.04 29.11
CA LEU C 250 17.22 63.73 28.68
C LEU C 250 16.53 62.98 29.79
N PHE C 251 15.37 62.42 29.49
CA PHE C 251 14.66 61.59 30.45
C PHE C 251 14.88 60.13 30.09
N ILE C 252 15.32 59.35 31.07
CA ILE C 252 15.58 57.93 30.87
C ILE C 252 14.80 57.13 31.88
N PRO C 253 13.74 56.47 31.42
CA PRO C 253 12.86 55.70 32.29
C PRO C 253 13.63 54.51 32.85
N ALA C 254 13.22 54.04 34.03
CA ALA C 254 13.89 52.90 34.67
C ALA C 254 14.06 51.73 33.71
N LEU C 255 15.18 51.05 33.89
CA LEU C 255 15.49 49.82 33.16
C LEU C 255 15.98 50.12 31.75
N TRP C 256 15.79 51.36 31.30
CA TRP C 256 16.29 51.75 29.98
C TRP C 256 17.81 51.85 29.97
N PHE C 257 18.41 51.36 28.89
CA PHE C 257 19.85 51.22 28.81
C PHE C 257 20.52 52.43 28.18
N HIS C 258 21.25 53.19 28.99
CA HIS C 258 21.87 54.40 28.48
C HIS C 258 23.38 54.37 28.45
N ASN C 259 23.95 54.58 27.26
CA ASN C 259 25.39 54.80 27.13
C ASN C 259 25.76 56.29 27.05
N VAL C 260 26.14 56.90 28.18
CA VAL C 260 26.54 58.33 28.18
C VAL C 260 27.99 58.53 27.69
N ILE C 261 28.16 58.82 26.40
CA ILE C 261 29.47 59.23 25.87
C ILE C 261 29.64 60.76 25.91
N SER C 262 30.83 61.26 25.61
CA SER C 262 31.05 62.71 25.66
C SER C 262 31.79 63.26 24.43
N GLU C 263 31.39 64.44 23.97
CA GLU C 263 32.08 65.08 22.85
C GLU C 263 32.64 66.46 23.21
N GLU C 264 32.59 66.81 24.49
CA GLU C 264 33.11 68.09 24.99
C GLU C 264 33.00 68.13 26.50
N PHE C 265 33.90 68.85 27.16
CA PHE C 265 33.85 68.97 28.61
C PHE C 265 32.46 69.49 28.98
N GLY C 266 31.86 68.93 30.02
CA GLY C 266 30.52 69.36 30.40
C GLY C 266 30.11 69.05 31.84
N VAL C 267 29.07 69.71 32.31
CA VAL C 267 28.61 69.57 33.69
C VAL C 267 27.18 69.00 33.78
N GLY C 268 27.07 67.71 34.13
CA GLY C 268 25.77 67.08 34.28
C GLY C 268 25.15 67.30 35.65
N VAL C 269 24.00 66.68 35.82
CA VAL C 269 23.28 66.70 37.09
C VAL C 269 22.07 65.83 36.82
N ASN C 270 21.18 65.68 37.79
CA ASN C 270 20.00 64.82 37.61
C ASN C 270 19.23 64.49 38.88
N ILE C 271 17.94 64.27 38.69
CA ILE C 271 17.03 63.81 39.75
C ILE C 271 16.74 62.32 39.49
N PHE C 272 16.62 61.52 40.56
CA PHE C 272 16.19 60.12 40.49
C PHE C 272 14.91 60.01 41.29
N TRP C 273 14.02 59.08 40.94
CA TRP C 273 12.85 58.91 41.78
C TRP C 273 12.14 57.55 41.82
N LYS C 274 11.45 57.34 42.93
CA LYS C 274 10.63 56.17 43.12
C LYS C 274 9.45 56.24 42.14
N HIS C 275 9.50 55.42 41.10
CA HIS C 275 8.38 55.32 40.21
C HIS C 275 7.22 54.69 40.96
N LEU C 276 7.53 53.59 41.65
CA LEU C 276 6.56 52.82 42.39
C LEU C 276 6.47 53.34 43.81
N PRO C 277 5.53 52.80 44.61
CA PRO C 277 5.50 53.17 46.03
C PRO C 277 6.83 52.85 46.72
N SER C 278 7.22 53.70 47.67
CA SER C 278 8.51 53.58 48.37
C SER C 278 8.79 52.16 48.86
N GLU C 279 7.73 51.46 49.23
CA GLU C 279 7.83 50.13 49.83
C GLU C 279 8.29 49.05 48.86
N CYS C 280 8.09 49.28 47.55
CA CYS C 280 8.52 48.32 46.52
C CYS C 280 10.02 48.37 46.28
N TYR C 281 10.71 49.28 46.98
CA TYR C 281 12.15 49.45 46.85
C TYR C 281 12.85 48.96 48.11
N ASP C 282 14.11 48.58 48.00
CA ASP C 282 14.82 48.08 49.17
C ASP C 282 15.49 49.21 49.95
N LYS C 283 15.50 49.08 51.27
CA LYS C 283 16.01 50.12 52.15
C LYS C 283 17.53 50.28 52.06
N THR C 284 18.23 49.19 51.77
CA THR C 284 19.69 49.21 51.74
C THR C 284 20.20 50.10 50.62
N ASP C 285 19.30 50.42 49.70
CA ASP C 285 19.64 51.18 48.49
C ASP C 285 19.91 52.64 48.81
N TYR C 287 21.56 54.75 46.27
CA TYR C 287 21.88 55.20 44.93
C TYR C 287 20.65 55.17 44.04
N GLY C 288 20.34 53.97 43.57
CA GLY C 288 19.31 53.72 42.58
C GLY C 288 19.69 52.50 41.75
N ASN C 289 20.58 51.68 42.31
CA ASN C 289 21.14 50.52 41.63
C ASN C 289 20.54 49.16 42.02
N LYS C 290 20.08 49.04 43.26
CA LYS C 290 19.54 47.78 43.78
C LYS C 290 18.16 47.48 43.24
N ASP C 291 17.96 46.25 42.76
CA ASP C 291 16.68 45.81 42.21
C ASP C 291 15.60 45.79 43.29
N PRO C 292 14.36 46.10 42.92
CA PRO C 292 13.23 46.12 43.86
C PRO C 292 13.26 44.90 44.78
N THR C 293 12.59 44.97 45.92
CA THR C 293 12.57 43.83 46.85
C THR C 293 12.10 42.56 46.14
N ALA C 294 10.82 42.52 45.77
CA ALA C 294 10.26 41.41 45.01
C ALA C 294 11.29 40.85 44.04
N ALA C 295 11.54 41.57 42.96
CA ALA C 295 12.48 41.13 41.94
C ALA C 295 13.72 40.42 42.47
N SER C 296 14.24 40.82 43.63
CA SER C 296 15.49 40.22 44.14
C SER C 296 15.23 38.86 44.77
N ARG C 297 14.05 38.74 45.40
CA ARG C 297 13.60 37.51 46.04
C ARG C 297 13.29 36.43 45.00
N ALA C 298 12.55 36.83 43.97
CA ALA C 298 12.28 35.98 42.83
C ALA C 298 13.56 35.32 42.32
N ALA C 299 14.69 36.01 42.42
CA ALA C 299 15.94 35.43 41.92
C ALA C 299 16.56 34.50 42.95
N GLN C 300 16.30 34.79 44.23
CA GLN C 300 16.75 33.93 45.32
C GLN C 300 16.04 32.58 45.20
N ILE C 301 14.73 32.61 45.47
CA ILE C 301 13.82 31.52 45.15
C ILE C 301 14.27 30.74 43.91
N LEU C 302 14.42 31.45 42.80
CA LEU C 302 14.76 30.85 41.53
C LEU C 302 16.10 30.11 41.56
N ASP C 303 17.01 30.55 42.42
CA ASP C 303 18.28 29.85 42.52
C ASP C 303 18.09 28.55 43.27
N ARG C 304 17.11 28.54 44.18
CA ARG C 304 16.79 27.33 44.94
C ARG C 304 16.24 26.24 44.00
N ALA C 305 15.27 26.63 43.17
CA ALA C 305 14.80 25.80 42.07
C ALA C 305 15.97 25.20 41.29
N LEU C 306 16.98 26.01 41.01
CA LEU C 306 18.09 25.57 40.19
C LEU C 306 19.07 24.72 40.95
N LYS C 307 18.92 24.64 42.27
CA LYS C 307 19.74 23.73 43.08
C LYS C 307 19.03 22.37 43.14
N THR C 308 17.76 22.38 43.55
CA THR C 308 16.98 21.16 43.48
C THR C 308 17.15 20.54 42.08
N LEU C 309 16.61 21.22 41.07
CA LEU C 309 16.70 20.78 39.67
C LEU C 309 18.13 20.33 39.31
N ALA C 310 19.12 20.88 40.01
CA ALA C 310 20.50 20.56 39.71
C ALA C 310 20.86 19.13 40.10
N GLU C 311 20.03 18.54 40.96
CA GLU C 311 20.25 17.19 41.48
C GLU C 311 19.93 16.07 40.48
N LEU C 312 19.82 16.43 39.19
CA LEU C 312 19.51 15.47 38.14
C LEU C 312 20.60 15.42 37.08
N PRO C 313 20.72 14.26 36.41
CA PRO C 313 21.64 14.16 35.28
C PRO C 313 21.49 15.34 34.32
N GLU C 314 22.60 15.75 33.69
CA GLU C 314 22.61 16.96 32.88
C GLU C 314 21.50 16.93 31.83
N GLU C 315 21.40 15.81 31.10
CA GLU C 315 20.36 15.61 30.07
C GLU C 315 18.98 16.06 30.56
N TYR C 316 18.68 15.69 31.81
CA TYR C 316 17.41 15.98 32.47
C TYR C 316 17.27 17.42 32.91
N ARG C 317 18.15 17.83 33.83
CA ARG C 317 18.13 19.20 34.35
C ARG C 317 17.97 20.13 33.16
N ASP C 318 18.78 19.91 32.13
CA ASP C 318 18.68 20.71 30.94
C ASP C 318 17.29 20.80 30.34
N PHE C 319 16.61 19.67 30.24
CA PHE C 319 15.31 19.54 29.55
C PHE C 319 14.26 20.28 30.29
N TYR C 320 14.28 20.12 31.61
CA TYR C 320 13.33 20.79 32.47
C TYR C 320 13.62 22.28 32.53
N ALA C 321 14.91 22.64 32.48
CA ALA C 321 15.33 24.02 32.38
C ALA C 321 14.59 24.69 31.25
N ARG C 322 14.63 24.09 30.07
CA ARG C 322 13.98 24.65 28.89
C ARG C 322 12.46 24.75 29.08
N ARG C 323 11.91 23.92 29.96
CA ARG C 323 10.48 23.95 30.25
C ARG C 323 10.14 25.18 31.02
N MET C 324 10.87 25.41 32.10
CA MET C 324 10.87 26.70 32.79
C MET C 324 10.94 27.91 31.83
N VAL C 325 12.01 28.08 31.03
CA VAL C 325 12.03 29.31 30.25
C VAL C 325 10.78 29.41 29.41
N LEU C 326 10.40 28.29 28.81
CA LEU C 326 9.18 28.25 28.01
C LEU C 326 8.05 28.79 28.87
N HIS C 327 8.05 28.36 30.13
CA HIS C 327 7.01 28.70 31.09
C HIS C 327 7.02 30.16 31.44
N ILE C 328 8.19 30.65 31.81
CA ILE C 328 8.41 32.06 32.07
C ILE C 328 8.03 32.91 30.87
N GLN C 329 8.47 32.55 29.67
CA GLN C 329 8.19 33.40 28.52
C GLN C 329 6.70 33.56 28.20
N ASP C 330 5.91 32.56 28.56
CA ASP C 330 4.50 32.58 28.22
C ASP C 330 3.73 33.33 29.28
N LYS C 331 4.01 32.97 30.52
CA LYS C 331 3.27 33.50 31.65
C LYS C 331 3.78 34.88 32.14
N ALA C 332 5.09 35.11 32.13
CA ALA C 332 5.64 36.30 32.78
C ALA C 332 6.29 37.32 31.84
N TYR C 333 6.55 36.94 30.61
CA TYR C 333 7.04 37.90 29.65
C TYR C 333 5.83 38.79 29.36
N SER C 334 6.02 39.82 28.55
CA SER C 334 4.91 40.68 28.17
C SER C 334 4.82 40.77 26.65
N GLN D 27 17.74 18.37 8.03
CA GLN D 27 17.19 18.09 9.35
C GLN D 27 16.09 17.02 9.28
N HIS D 28 16.36 15.99 8.49
CA HIS D 28 15.45 14.90 8.23
C HIS D 28 16.29 13.64 8.40
N LEU D 29 16.97 13.55 9.54
CA LEU D 29 17.92 12.46 9.79
C LEU D 29 17.27 11.10 10.03
N PRO D 30 17.98 10.04 9.67
CA PRO D 30 17.57 8.68 10.04
C PRO D 30 18.11 8.32 11.42
N VAL D 31 17.53 7.31 12.05
CA VAL D 31 18.03 6.76 13.31
C VAL D 31 18.94 5.59 12.95
N PRO D 32 20.17 5.58 13.48
CA PRO D 32 21.10 4.47 13.27
C PRO D 32 20.43 3.11 13.38
N ARG D 33 20.65 2.22 12.41
CA ARG D 33 20.27 0.82 12.58
C ARG D 33 21.52 -0.07 12.76
N LEU D 34 21.44 -1.07 13.64
CA LEU D 34 22.58 -1.92 13.98
C LEU D 34 22.22 -3.38 14.16
N GLU D 35 22.78 -4.25 13.32
CA GLU D 35 22.61 -5.70 13.49
C GLU D 35 23.62 -6.25 14.51
N GLY D 36 23.24 -7.34 15.15
CA GLY D 36 24.14 -8.11 16.00
C GLY D 36 24.75 -7.41 17.18
N VAL D 37 24.06 -6.41 17.74
CA VAL D 37 24.59 -5.74 18.91
C VAL D 37 24.45 -6.59 20.17
N SER D 38 25.41 -6.48 21.06
CA SER D 38 25.40 -7.35 22.23
C SER D 38 25.06 -6.59 23.50
N ARG D 39 24.39 -7.29 24.40
CA ARG D 39 24.08 -6.75 25.69
C ARG D 39 25.15 -5.76 26.10
N GLU D 40 26.40 -6.18 26.06
CA GLU D 40 27.46 -5.35 26.65
C GLU D 40 27.72 -4.11 25.80
N GLN D 41 27.85 -4.33 24.50
CA GLN D 41 27.90 -3.21 23.59
C GLN D 41 26.75 -2.24 23.84
N PHE D 42 25.51 -2.72 24.01
CA PHE D 42 24.41 -1.79 24.20
C PHE D 42 24.66 -1.02 25.44
N MET D 43 24.67 -1.76 26.54
CA MET D 43 24.76 -1.18 27.87
C MET D 43 25.98 -0.30 28.06
N GLN D 44 27.16 -0.86 27.82
CA GLN D 44 28.40 -0.16 28.17
C GLN D 44 28.82 0.90 27.13
N HIS D 45 28.19 0.88 25.96
CA HIS D 45 28.63 1.72 24.85
C HIS D 45 27.51 2.62 24.29
N LEU D 46 26.45 1.99 23.79
CA LEU D 46 25.40 2.70 23.08
C LEU D 46 24.44 3.38 24.04
N TYR D 47 23.97 2.61 25.01
CA TYR D 47 23.00 3.13 25.95
C TYR D 47 23.39 4.52 26.44
N PRO D 48 24.63 4.66 26.92
CA PRO D 48 24.98 5.87 27.65
C PRO D 48 25.18 7.07 26.73
N GLN D 49 25.12 6.84 25.41
CA GLN D 49 25.08 7.88 24.39
C GLN D 49 23.77 8.63 24.43
N ARG D 50 22.81 8.14 25.21
CA ARG D 50 21.52 8.79 25.32
C ARG D 50 20.79 9.15 23.99
N LYS D 51 20.89 8.31 22.96
CA LYS D 51 20.25 8.64 21.68
C LYS D 51 19.42 7.52 21.02
N PRO D 52 18.37 7.89 20.28
CA PRO D 52 17.50 6.86 19.72
C PRO D 52 18.32 5.92 18.86
N LEU D 53 17.84 4.70 18.69
CA LEU D 53 18.63 3.65 18.11
C LEU D 53 17.77 2.43 17.78
N VAL D 54 17.67 2.06 16.50
CA VAL D 54 16.92 0.85 16.17
C VAL D 54 17.86 -0.35 16.01
N LEU D 55 17.66 -1.37 16.84
CA LEU D 55 18.48 -2.58 16.88
C LEU D 55 17.87 -3.76 16.08
N GLU D 56 18.61 -4.25 15.07
CA GLU D 56 18.11 -5.32 14.21
C GLU D 56 18.56 -6.72 14.62
N GLY D 57 17.80 -7.71 14.16
CA GLY D 57 18.13 -9.10 14.32
C GLY D 57 18.26 -9.63 15.74
N ILE D 58 17.63 -8.96 16.71
CA ILE D 58 17.52 -9.51 18.06
C ILE D 58 16.58 -10.72 18.10
N ASP D 59 16.95 -11.73 18.90
CA ASP D 59 16.15 -12.93 19.06
C ASP D 59 15.02 -12.64 20.04
N LEU D 60 13.82 -12.44 19.51
CA LEU D 60 12.71 -12.07 20.36
C LEU D 60 11.87 -13.28 20.72
N GLY D 61 12.26 -14.47 20.26
CA GLY D 61 11.42 -15.64 20.50
C GLY D 61 10.52 -15.83 19.31
N PRO D 62 9.61 -16.81 19.38
CA PRO D 62 8.74 -17.24 18.30
C PRO D 62 7.66 -16.22 17.98
N CYS D 63 7.32 -15.42 18.99
CA CYS D 63 6.24 -14.44 18.90
C CYS D 63 6.27 -13.79 17.54
N THR D 64 7.45 -13.48 17.08
CA THR D 64 7.58 -12.76 15.82
C THR D 64 7.13 -13.56 14.58
N SER D 65 7.04 -14.87 14.72
CA SER D 65 6.50 -15.69 13.64
C SER D 65 5.08 -16.20 13.96
N LYS D 66 4.80 -16.44 15.26
CA LYS D 66 3.49 -16.94 15.73
C LYS D 66 2.31 -15.94 15.73
N TRP D 67 2.59 -14.66 15.99
CA TRP D 67 1.54 -13.70 16.41
C TRP D 67 0.72 -13.09 15.27
N THR D 68 -0.04 -13.95 14.61
CA THR D 68 -0.97 -13.53 13.58
C THR D 68 -2.23 -13.13 14.31
N VAL D 69 -3.15 -12.48 13.59
CA VAL D 69 -4.33 -11.97 14.24
C VAL D 69 -5.10 -13.13 14.87
N ASP D 70 -5.01 -14.26 14.19
CA ASP D 70 -5.66 -15.50 14.59
C ASP D 70 -4.98 -16.08 15.84
N TYR D 71 -3.67 -16.27 15.80
CA TYR D 71 -2.96 -16.76 16.98
C TYR D 71 -3.22 -15.84 18.18
N LEU D 72 -3.16 -14.53 17.92
CA LEU D 72 -3.31 -13.49 18.94
C LEU D 72 -4.65 -13.58 19.67
N SER D 73 -5.72 -13.65 18.90
CA SER D 73 -7.06 -13.75 19.46
C SER D 73 -7.22 -14.98 20.34
N GLN D 74 -6.74 -16.12 19.84
CA GLN D 74 -6.86 -17.37 20.59
C GLN D 74 -5.98 -17.34 21.84
N VAL D 75 -4.73 -16.97 21.68
CA VAL D 75 -3.85 -17.07 22.83
C VAL D 75 -4.03 -15.93 23.85
N GLY D 76 -4.44 -14.75 23.38
CA GLY D 76 -4.67 -13.63 24.29
C GLY D 76 -5.99 -13.80 25.04
N GLY D 77 -6.99 -14.24 24.27
CA GLY D 77 -8.29 -14.54 24.84
C GLY D 77 -9.27 -13.39 25.00
N LYS D 78 -10.21 -13.55 25.92
CA LYS D 78 -11.34 -12.63 26.01
C LYS D 78 -11.26 -11.72 27.25
N LYS D 79 -10.06 -11.25 27.57
CA LYS D 79 -9.85 -10.35 28.70
C LYS D 79 -10.33 -8.95 28.31
N GLU D 80 -10.92 -8.24 29.27
CA GLU D 80 -11.47 -6.94 28.94
C GLU D 80 -10.36 -5.91 28.92
N VAL D 81 -10.32 -5.15 27.84
CA VAL D 81 -9.31 -4.10 27.74
C VAL D 81 -9.95 -2.79 27.33
N LYS D 82 -9.55 -1.75 28.05
CA LYS D 82 -9.92 -0.39 27.74
C LYS D 82 -9.18 0.03 26.47
N ILE D 83 -9.89 0.80 25.65
CA ILE D 83 -9.53 0.94 24.28
C ILE D 83 -9.79 2.37 23.81
N HIS D 84 -9.08 2.82 22.76
CA HIS D 84 -9.31 4.13 22.19
C HIS D 84 -10.10 3.88 20.89
N VAL D 85 -11.15 4.66 20.63
CA VAL D 85 -11.81 4.60 19.32
C VAL D 85 -11.82 5.99 18.69
N ALA D 86 -11.40 6.08 17.44
CA ALA D 86 -11.25 7.38 16.82
C ALA D 86 -11.97 7.43 15.49
N ALA D 87 -12.64 8.55 15.25
CA ALA D 87 -13.41 8.71 14.03
C ALA D 87 -12.42 8.92 12.93
N VAL D 88 -11.57 9.93 13.16
CA VAL D 88 -10.48 10.28 12.25
C VAL D 88 -9.18 9.56 12.61
N ALA D 89 -8.40 9.21 11.59
CA ALA D 89 -7.12 8.53 11.80
C ALA D 89 -6.14 9.39 12.57
N GLN D 90 -6.21 10.71 12.41
CA GLN D 90 -5.36 11.57 13.21
C GLN D 90 -6.09 11.80 14.54
N MET D 91 -5.49 11.38 15.64
CA MET D 91 -6.17 11.46 16.92
C MET D 91 -5.77 12.66 17.71
N ASP D 92 -6.75 13.39 18.23
CA ASP D 92 -6.49 14.63 18.95
C ASP D 92 -6.63 14.48 20.49
N PHE D 93 -5.56 14.80 21.21
CA PHE D 93 -5.55 14.74 22.69
C PHE D 93 -5.38 16.16 23.21
N ILE D 94 -6.38 16.63 23.94
CA ILE D 94 -6.54 18.04 24.34
C ILE D 94 -7.77 18.57 23.61
N SER D 95 -8.07 17.92 22.49
CA SER D 95 -9.40 17.99 21.89
C SER D 95 -9.79 16.58 21.47
N LYS D 96 -10.31 15.82 22.41
CA LYS D 96 -10.64 14.43 22.12
C LYS D 96 -11.53 14.29 20.90
N ASN D 97 -10.95 13.85 19.80
CA ASN D 97 -11.75 13.42 18.66
C ASN D 97 -11.89 11.89 18.72
N PHE D 98 -11.50 11.34 19.86
CA PHE D 98 -11.55 9.90 20.06
C PHE D 98 -12.35 9.58 21.32
N VAL D 99 -12.71 8.32 21.49
CA VAL D 99 -13.50 7.93 22.64
C VAL D 99 -12.93 6.70 23.32
N TYR D 100 -13.06 6.61 24.65
CA TYR D 100 -12.77 5.36 25.37
C TYR D 100 -13.92 4.34 25.35
N ARG D 101 -13.58 3.12 25.02
CA ARG D 101 -14.51 2.02 25.15
C ARG D 101 -13.80 0.84 25.77
N THR D 102 -14.36 -0.35 25.65
CA THR D 102 -13.63 -1.53 26.04
C THR D 102 -14.04 -2.64 25.08
N LEU D 103 -13.29 -3.73 25.12
CA LEU D 103 -13.55 -4.78 24.20
C LEU D 103 -12.86 -5.98 24.79
N PRO D 104 -13.34 -7.19 24.43
CA PRO D 104 -12.58 -8.39 24.76
C PRO D 104 -11.32 -8.34 23.91
N PHE D 105 -10.20 -8.71 24.52
CA PHE D 105 -8.90 -8.64 23.88
C PHE D 105 -8.91 -9.17 22.44
N ASP D 106 -9.49 -10.34 22.21
CA ASP D 106 -9.49 -10.97 20.86
C ASP D 106 -10.38 -10.27 19.85
N GLN D 107 -11.40 -9.60 20.35
CA GLN D 107 -12.25 -8.86 19.45
C GLN D 107 -11.47 -7.66 18.95
N LEU D 108 -10.79 -6.99 19.89
CA LEU D 108 -9.89 -5.87 19.54
C LEU D 108 -8.88 -6.22 18.45
N VAL D 109 -8.12 -7.29 18.67
CA VAL D 109 -7.19 -7.74 17.66
C VAL D 109 -7.90 -7.79 16.30
N GLN D 110 -8.99 -8.56 16.23
CA GLN D 110 -9.70 -8.72 14.97
C GLN D 110 -10.21 -7.43 14.33
N ARG D 111 -10.81 -6.56 15.14
CA ARG D 111 -11.26 -5.25 14.66
C ARG D 111 -10.10 -4.38 14.19
N ALA D 112 -9.01 -4.34 14.96
CA ALA D 112 -7.88 -3.48 14.60
C ALA D 112 -7.23 -3.94 13.31
N ALA D 113 -7.42 -5.21 13.00
CA ALA D 113 -6.84 -5.80 11.79
C ALA D 113 -7.69 -5.63 10.53
N GLU D 114 -8.95 -5.24 10.70
CA GLU D 114 -9.88 -5.11 9.57
C GLU D 114 -10.18 -3.65 9.22
N GLU D 115 -10.50 -3.39 7.95
CA GLU D 115 -10.63 -2.01 7.49
C GLU D 115 -12.02 -1.47 7.70
N LYS D 116 -13.00 -2.20 7.17
CA LYS D 116 -14.41 -1.85 7.35
C LYS D 116 -15.05 -2.75 8.44
N HIS D 117 -15.78 -2.14 9.36
CA HIS D 117 -16.33 -2.92 10.49
C HIS D 117 -17.80 -3.26 10.38
N LYS D 118 -18.12 -4.56 10.42
CA LYS D 118 -19.49 -4.99 10.58
C LYS D 118 -20.09 -4.35 11.85
N GLU D 119 -19.59 -4.70 13.03
CA GLU D 119 -20.06 -4.03 14.24
C GLU D 119 -19.08 -2.93 14.61
N PHE D 120 -19.54 -1.96 15.41
CA PHE D 120 -18.72 -0.81 15.76
C PHE D 120 -19.37 0.18 16.73
N PHE D 121 -18.56 1.02 17.32
CA PHE D 121 -18.97 1.93 18.36
C PHE D 121 -19.43 3.28 17.83
N VAL D 122 -18.93 3.66 16.66
CA VAL D 122 -19.20 4.99 16.10
C VAL D 122 -19.39 4.97 14.59
N SER D 123 -18.38 4.53 13.85
CA SER D 123 -18.50 4.47 12.39
C SER D 123 -17.94 3.19 11.78
N GLU D 124 -18.32 2.92 10.54
CA GLU D 124 -17.87 1.73 9.84
C GLU D 124 -16.37 1.79 9.60
N ASP D 125 -15.81 2.99 9.80
CA ASP D 125 -14.43 3.26 9.42
C ASP D 125 -13.52 3.51 10.59
N GLU D 126 -14.10 3.64 11.78
CA GLU D 126 -13.33 3.97 12.97
C GLU D 126 -12.08 3.12 13.12
N LYS D 127 -11.09 3.72 13.74
CA LYS D 127 -9.84 3.02 14.01
C LYS D 127 -9.67 2.78 15.51
N TYR D 128 -8.96 1.70 15.84
CA TYR D 128 -8.78 1.24 17.21
C TYR D 128 -7.36 1.40 17.73
N TYR D 129 -7.24 1.61 19.03
CA TYR D 129 -5.94 1.68 19.68
C TYR D 129 -5.96 1.07 21.09
N LEU D 130 -5.23 -0.03 21.30
CA LEU D 130 -5.11 -0.60 22.64
C LEU D 130 -3.80 -0.18 23.28
N ARG D 131 -3.90 0.29 24.50
CA ARG D 131 -2.71 0.50 25.28
C ARG D 131 -2.91 -0.11 26.65
N SER D 132 -2.36 -1.34 26.82
CA SER D 132 -2.48 -2.12 28.05
C SER D 132 -2.43 -1.30 29.31
N LEU D 133 -3.19 -1.72 30.32
CA LEU D 133 -3.04 -1.15 31.65
C LEU D 133 -3.00 -2.30 32.66
N GLY D 134 -2.48 -2.08 33.86
CA GLY D 134 -2.65 -3.00 34.96
C GLY D 134 -4.12 -3.23 35.27
N GLU D 135 -4.41 -4.17 36.16
CA GLU D 135 -5.80 -4.50 36.49
C GLU D 135 -6.50 -3.30 37.14
N ASP D 136 -5.91 -2.80 38.24
CA ASP D 136 -6.37 -1.58 38.86
C ASP D 136 -5.38 -0.47 38.52
N PRO D 137 -5.62 0.22 37.40
CA PRO D 137 -4.67 1.19 36.81
C PRO D 137 -4.27 2.31 37.78
N ARG D 138 -4.83 2.32 38.98
CA ARG D 138 -4.47 3.32 39.96
C ARG D 138 -3.25 2.85 40.76
N LYS D 139 -3.13 1.54 40.92
CA LYS D 139 -2.10 0.97 41.78
C LYS D 139 -1.07 0.12 41.02
N ASP D 140 -1.51 -0.56 39.96
CA ASP D 140 -0.62 -1.47 39.23
C ASP D 140 -0.25 -0.97 37.85
N VAL D 141 1.03 -1.11 37.50
CA VAL D 141 1.53 -0.79 36.16
C VAL D 141 1.26 -1.98 35.26
N ALA D 142 1.18 -1.75 33.95
CA ALA D 142 1.01 -2.85 33.01
C ALA D 142 2.22 -3.83 33.04
N ASP D 143 1.95 -5.13 33.15
CA ASP D 143 2.99 -6.13 32.94
C ASP D 143 2.49 -7.25 32.05
N ILE D 144 3.05 -7.35 30.86
CA ILE D 144 2.74 -8.46 29.94
C ILE D 144 2.76 -9.80 30.70
N ARG D 145 3.79 -10.04 31.51
CA ARG D 145 3.90 -11.31 32.24
C ARG D 145 2.59 -11.61 32.95
N LYS D 146 2.08 -10.62 33.69
CA LYS D 146 0.88 -10.81 34.48
C LYS D 146 -0.43 -10.86 33.69
N GLN D 147 -0.54 -10.07 32.63
CA GLN D 147 -1.88 -9.90 32.06
C GLN D 147 -2.12 -10.74 30.83
N PHE D 148 -1.07 -11.41 30.38
CA PHE D 148 -1.11 -12.27 29.21
C PHE D 148 0.01 -13.32 29.31
N PRO D 149 -0.08 -14.14 30.36
CA PRO D 149 0.93 -15.16 30.67
C PRO D 149 1.28 -15.98 29.43
N LEU D 150 0.28 -16.54 28.73
CA LEU D 150 0.52 -17.36 27.55
C LEU D 150 1.30 -16.66 26.43
N LEU D 151 0.88 -15.45 26.08
CA LEU D 151 1.55 -14.77 25.00
C LEU D 151 2.96 -14.44 25.43
N LYS D 152 3.11 -14.10 26.71
CA LYS D 152 4.36 -13.61 27.21
C LYS D 152 5.45 -14.61 26.88
N GLY D 153 5.14 -15.90 26.98
CA GLY D 153 6.16 -16.91 26.77
C GLY D 153 6.68 -16.98 25.34
N ASP D 154 6.04 -16.27 24.42
CA ASP D 154 6.47 -16.23 23.04
C ASP D 154 7.53 -15.19 22.76
N ILE D 155 7.86 -14.39 23.77
CA ILE D 155 8.69 -13.19 23.58
C ILE D 155 9.72 -13.05 24.68
N LYS D 156 10.99 -13.01 24.27
CA LYS D 156 12.07 -12.70 25.20
C LYS D 156 12.53 -11.24 25.12
N PHE D 157 12.25 -10.51 26.19
CA PHE D 157 12.72 -9.17 26.34
C PHE D 157 14.23 -9.14 26.20
N PRO D 158 14.76 -8.16 25.43
CA PRO D 158 16.21 -7.91 25.43
C PRO D 158 16.68 -7.58 26.83
N GLU D 159 17.66 -8.32 27.32
CA GLU D 159 18.23 -8.04 28.65
C GLU D 159 19.13 -6.79 28.60
N PHE D 160 18.52 -5.62 28.45
CA PHE D 160 19.28 -4.43 28.15
C PHE D 160 19.28 -3.46 29.28
N PHE D 161 18.82 -3.94 30.43
CA PHE D 161 18.82 -3.17 31.67
C PHE D 161 18.89 -4.15 32.83
N LYS D 162 19.16 -3.64 34.04
CA LYS D 162 19.15 -4.47 35.24
C LYS D 162 17.73 -4.85 35.63
N GLU D 163 17.55 -6.06 36.14
CA GLU D 163 16.20 -6.55 36.48
C GLU D 163 15.53 -5.60 37.43
N GLU D 164 16.30 -5.06 38.38
CA GLU D 164 15.76 -4.19 39.42
C GLU D 164 15.12 -2.94 38.82
N GLN D 165 15.65 -2.52 37.68
CA GLN D 165 15.20 -1.30 37.01
C GLN D 165 13.88 -1.45 36.25
N PHE D 166 13.38 -2.68 36.12
CA PHE D 166 12.21 -2.94 35.27
C PHE D 166 11.01 -2.17 35.76
N PHE D 167 10.27 -1.58 34.83
CA PHE D 167 9.11 -0.80 35.25
C PHE D 167 7.75 -1.18 34.65
N SER D 168 7.67 -1.53 33.38
CA SER D 168 6.38 -1.84 32.82
C SER D 168 6.51 -2.47 31.42
N SER D 169 5.56 -3.33 31.04
CA SER D 169 5.49 -3.87 29.67
C SER D 169 4.06 -3.75 29.20
N VAL D 170 3.91 -3.27 27.98
CA VAL D 170 2.63 -2.79 27.51
C VAL D 170 2.46 -3.31 26.11
N PHE D 171 1.25 -3.75 25.79
CA PHE D 171 0.92 -4.09 24.43
C PHE D 171 0.57 -2.83 23.66
N ARG D 172 0.75 -2.84 22.35
CA ARG D 172 0.44 -1.69 21.51
C ARG D 172 -0.09 -2.22 20.23
N ILE D 173 -1.40 -2.34 20.18
CA ILE D 173 -2.06 -2.88 19.03
C ILE D 173 -2.86 -1.72 18.47
N SER D 174 -2.95 -1.64 17.15
CA SER D 174 -3.52 -0.45 16.53
C SER D 174 -3.99 -0.66 15.09
N SER D 175 -5.01 0.08 14.70
CA SER D 175 -5.56 -0.01 13.37
C SER D 175 -4.55 0.61 12.43
N PRO D 176 -4.50 0.12 11.18
CA PRO D 176 -3.56 0.76 10.26
C PRO D 176 -4.07 2.17 9.96
N GLY D 177 -3.17 3.12 9.75
CA GLY D 177 -3.60 4.45 9.45
C GLY D 177 -3.64 5.30 10.67
N LEU D 178 -3.67 4.66 11.84
CA LEU D 178 -3.83 5.41 13.07
C LEU D 178 -2.63 6.33 13.30
N GLN D 179 -2.87 7.51 13.84
CA GLN D 179 -1.74 8.37 14.21
C GLN D 179 -1.78 8.98 15.61
N LEU D 180 -0.86 8.51 16.45
CA LEU D 180 -0.75 8.96 17.84
C LEU D 180 -0.01 10.25 18.00
N TRP D 181 -0.64 11.22 18.66
CA TRP D 181 0.02 12.47 19.04
C TRP D 181 1.48 12.29 19.49
N THR D 182 2.24 13.36 19.33
CA THR D 182 3.60 13.40 19.78
C THR D 182 3.65 13.67 21.29
N HIS D 183 4.37 12.84 22.00
CA HIS D 183 4.48 12.95 23.46
C HIS D 183 5.89 12.52 23.86
N TYR D 184 6.23 12.73 25.12
CA TYR D 184 7.43 12.11 25.65
C TYR D 184 7.09 11.22 26.86
N ASP D 185 8.01 10.33 27.24
CA ASP D 185 7.83 9.52 28.44
C ASP D 185 9.01 9.71 29.34
N VAL D 186 8.83 9.38 30.60
CA VAL D 186 9.86 9.70 31.58
C VAL D 186 10.81 8.55 31.76
N MET D 187 10.41 7.37 31.27
CA MET D 187 11.27 6.19 31.38
C MET D 187 12.08 5.87 30.12
N ASP D 188 13.17 5.16 30.31
CA ASP D 188 13.87 4.65 29.16
C ASP D 188 12.99 3.57 28.63
N ASN D 189 13.18 3.26 27.34
CA ASN D 189 12.14 2.55 26.60
C ASN D 189 12.59 1.71 25.40
N LEU D 190 12.38 0.40 25.45
CA LEU D 190 12.44 -0.45 24.27
C LEU D 190 11.06 -0.60 23.57
N LEU D 191 10.99 -0.24 22.32
CA LEU D 191 9.77 -0.42 21.56
C LEU D 191 10.02 -1.56 20.57
N ILE D 192 9.39 -2.70 20.83
CA ILE D 192 9.61 -3.88 20.03
C ILE D 192 8.48 -4.07 19.03
N GLN D 193 8.75 -3.85 17.76
CA GLN D 193 7.76 -4.17 16.75
C GLN D 193 7.69 -5.67 16.46
N VAL D 194 6.73 -6.39 17.03
CA VAL D 194 6.61 -7.83 16.73
C VAL D 194 6.04 -8.15 15.34
N THR D 195 5.13 -7.30 14.87
CA THR D 195 4.31 -7.55 13.69
C THR D 195 3.91 -6.21 13.12
N GLY D 196 3.84 -6.08 11.79
CA GLY D 196 3.40 -4.84 11.17
C GLY D 196 4.54 -3.89 10.89
N LYS D 197 4.25 -2.77 10.24
CA LYS D 197 5.31 -1.78 9.99
C LYS D 197 4.93 -0.45 10.61
N LYS D 198 5.92 0.22 11.17
CA LYS D 198 5.69 1.33 12.06
C LYS D 198 6.62 2.48 11.70
N ARG D 199 6.04 3.56 11.22
CA ARG D 199 6.84 4.76 11.04
C ARG D 199 6.85 5.58 12.35
N VAL D 200 8.01 5.69 13.00
CA VAL D 200 8.15 6.62 14.12
C VAL D 200 9.16 7.73 13.88
N VAL D 201 8.71 8.98 13.96
CA VAL D 201 9.66 10.09 14.02
C VAL D 201 9.83 10.63 15.44
N LEU D 202 11.07 10.93 15.83
CA LEU D 202 11.37 11.42 17.17
C LEU D 202 11.91 12.84 17.12
N PHE D 203 11.91 13.49 18.28
CA PHE D 203 12.51 14.78 18.43
C PHE D 203 13.36 14.80 19.67
N SER D 204 14.56 15.35 19.55
CA SER D 204 15.39 15.58 20.71
C SER D 204 14.57 16.34 21.74
N PRO D 205 14.86 16.09 23.02
CA PRO D 205 14.26 16.82 24.14
C PRO D 205 14.62 18.30 24.04
N ARG D 206 15.77 18.63 23.45
CA ARG D 206 16.20 20.02 23.29
C ARG D 206 15.38 20.82 22.27
N ASP D 207 14.65 20.15 21.39
CA ASP D 207 13.70 20.82 20.50
C ASP D 207 12.38 21.06 21.24
N ALA D 208 12.43 21.05 22.57
CA ALA D 208 11.19 21.16 23.34
C ALA D 208 10.40 22.39 22.91
N GLN D 209 11.16 23.46 22.65
CA GLN D 209 10.65 24.81 22.46
C GLN D 209 9.98 25.02 21.12
N TYR D 210 10.20 24.10 20.19
CA TYR D 210 9.65 24.19 18.84
C TYR D 210 8.41 23.35 18.69
N LEU D 211 7.97 22.73 19.77
CA LEU D 211 6.93 21.71 19.64
C LEU D 211 5.59 22.16 20.20
N TYR D 212 5.60 23.13 21.12
CA TYR D 212 4.38 23.74 21.61
C TYR D 212 3.71 22.76 22.54
N LEU D 213 4.34 22.55 23.68
CA LEU D 213 3.93 21.49 24.58
C LEU D 213 2.81 21.93 25.51
N LYS D 214 1.72 21.15 25.55
CA LYS D 214 0.75 21.22 26.66
C LYS D 214 0.82 19.99 27.56
N GLY D 215 1.60 20.09 28.62
CA GLY D 215 1.85 18.95 29.46
C GLY D 215 2.93 18.15 28.78
N THR D 216 2.81 16.83 28.75
CA THR D 216 3.75 15.98 28.03
C THR D 216 3.43 15.86 26.55
N LYS D 217 2.53 16.69 26.03
CA LYS D 217 2.13 16.55 24.63
C LYS D 217 2.32 17.84 23.78
N SER D 218 2.46 17.65 22.47
CA SER D 218 2.64 18.73 21.52
C SER D 218 1.33 18.98 20.75
N GLU D 219 1.05 20.24 20.40
CA GLU D 219 -0.20 20.58 19.73
C GLU D 219 -0.17 20.39 18.20
N VAL D 220 0.98 20.04 17.64
CA VAL D 220 1.06 19.91 16.19
C VAL D 220 0.62 18.50 15.75
N LEU D 221 -0.60 18.34 15.27
CA LEU D 221 -1.08 17.00 14.96
C LEU D 221 -0.54 16.41 13.65
N ASN D 222 -0.66 17.16 12.57
CA ASN D 222 -0.07 16.74 11.32
C ASN D 222 1.40 17.09 11.37
N ILE D 223 2.27 16.09 11.48
CA ILE D 223 3.70 16.42 11.50
C ILE D 223 4.30 16.33 10.11
N ASP D 224 3.55 15.77 9.18
CA ASP D 224 3.96 15.74 7.78
C ASP D 224 3.61 17.06 7.09
N ASN D 225 2.34 17.45 7.13
CA ASN D 225 1.85 18.69 6.54
C ASN D 225 1.33 19.67 7.59
N PRO D 226 2.22 20.18 8.45
CA PRO D 226 1.87 21.09 9.55
C PRO D 226 1.28 22.45 9.13
N ASP D 227 0.37 22.99 9.93
CA ASP D 227 -0.16 24.34 9.74
C ASP D 227 0.87 25.36 10.22
N LEU D 228 1.73 25.78 9.29
CA LEU D 228 2.89 26.59 9.60
C LEU D 228 2.58 28.04 9.97
N ALA D 229 1.37 28.50 9.63
CA ALA D 229 0.90 29.82 10.05
C ALA D 229 0.47 29.80 11.50
N LYS D 230 0.08 28.63 12.00
CA LYS D 230 -0.33 28.47 13.39
C LYS D 230 0.83 28.05 14.29
N TYR D 231 1.72 27.23 13.73
CA TYR D 231 2.91 26.78 14.44
C TYR D 231 4.11 27.06 13.56
N PRO D 232 4.61 28.28 13.64
CA PRO D 232 5.80 28.76 12.93
C PRO D 232 7.09 27.99 13.30
N LEU D 233 7.41 27.88 14.59
CA LEU D 233 8.63 27.21 15.06
C LEU D 233 8.74 25.70 14.76
N PHE D 234 7.62 25.03 14.52
CA PHE D 234 7.68 23.60 14.37
C PHE D 234 8.69 23.28 13.29
N SER D 235 8.78 24.20 12.34
CA SER D 235 9.59 24.01 11.15
C SER D 235 11.07 24.03 11.50
N LYS D 236 11.40 24.64 12.63
CA LYS D 236 12.77 24.61 13.13
C LYS D 236 13.17 23.27 13.74
N ALA D 237 12.19 22.39 14.01
CA ALA D 237 12.48 21.12 14.70
C ALA D 237 13.09 20.01 13.82
N ARG D 238 14.23 19.48 14.25
CA ARG D 238 14.91 18.39 13.55
C ARG D 238 14.29 16.99 13.77
N ARG D 239 13.74 16.42 12.70
CA ARG D 239 13.11 15.11 12.73
C ARG D 239 14.04 13.92 12.68
N TYR D 240 13.94 13.00 13.62
CA TYR D 240 14.53 11.68 13.38
C TYR D 240 13.44 10.71 12.91
N GLU D 241 13.71 9.96 11.85
CA GLU D 241 12.74 9.02 11.30
C GLU D 241 13.32 7.63 11.24
N CYS D 242 12.52 6.63 11.57
CA CYS D 242 12.88 5.25 11.25
C CYS D 242 11.63 4.46 10.95
N SER D 243 11.77 3.31 10.28
CA SER D 243 10.62 2.46 10.03
C SER D 243 10.88 1.11 10.66
N LEU D 244 9.99 0.69 11.55
CA LEU D 244 10.18 -0.55 12.27
C LEU D 244 9.45 -1.60 11.52
N GLU D 245 10.04 -2.77 11.43
CA GLU D 245 9.37 -3.86 10.77
C GLU D 245 9.41 -5.03 11.73
N ALA D 246 8.57 -6.02 11.47
CA ALA D 246 8.53 -7.22 12.29
C ALA D 246 9.94 -7.58 12.72
N GLY D 247 10.14 -7.79 14.02
CA GLY D 247 11.47 -8.00 14.55
C GLY D 247 12.26 -6.80 15.06
N ASP D 248 11.99 -5.57 14.61
CA ASP D 248 12.83 -4.42 15.00
C ASP D 248 12.62 -3.95 16.44
N VAL D 249 13.69 -3.57 17.12
CA VAL D 249 13.58 -2.97 18.43
C VAL D 249 14.06 -1.53 18.37
N LEU D 250 13.20 -0.57 18.71
CA LEU D 250 13.63 0.83 18.78
C LEU D 250 13.93 1.25 20.23
N PHE D 251 15.04 1.92 20.48
CA PHE D 251 15.36 2.37 21.84
C PHE D 251 14.97 3.83 21.97
N ILE D 252 14.07 4.15 22.90
CA ILE D 252 13.76 5.54 23.08
C ILE D 252 14.26 6.03 24.42
N PRO D 253 15.29 6.90 24.39
CA PRO D 253 15.76 7.41 25.68
C PRO D 253 14.72 8.35 26.29
N ALA D 254 14.62 8.40 27.61
CA ALA D 254 13.64 9.23 28.29
C ALA D 254 13.69 10.69 27.81
N LEU D 255 12.51 11.30 27.78
CA LEU D 255 12.37 12.70 27.37
C LEU D 255 12.38 12.91 25.89
N TRP D 256 12.90 11.95 25.12
CA TRP D 256 12.79 12.01 23.65
C TRP D 256 11.33 11.95 23.18
N PHE D 257 10.95 12.90 22.33
CA PHE D 257 9.60 12.95 21.77
C PHE D 257 9.44 11.97 20.62
N HIS D 258 8.35 11.23 20.65
CA HIS D 258 8.01 10.39 19.54
C HIS D 258 6.56 10.55 19.11
N ASN D 259 6.39 10.27 17.83
CA ASN D 259 5.12 10.29 17.15
C ASN D 259 5.13 8.99 16.32
N VAL D 260 4.15 8.11 16.53
CA VAL D 260 4.13 6.85 15.78
C VAL D 260 2.85 6.62 14.95
N ILE D 261 3.03 6.09 13.74
CA ILE D 261 1.90 5.82 12.88
C ILE D 261 2.02 4.43 12.40
N SER D 262 1.05 3.60 12.73
CA SER D 262 1.01 2.23 12.24
C SER D 262 0.56 2.21 10.77
N GLU D 263 1.46 1.81 9.87
CA GLU D 263 1.19 1.82 8.43
C GLU D 263 0.40 0.59 8.00
N GLU D 264 0.86 -0.58 8.43
CA GLU D 264 0.09 -1.80 8.30
C GLU D 264 -0.72 -1.99 9.62
N PHE D 265 -1.38 -3.15 9.80
CA PHE D 265 -1.86 -3.51 11.13
C PHE D 265 -0.68 -4.16 11.82
N GLY D 266 -0.57 -3.96 13.12
CA GLY D 266 0.47 -4.68 13.83
C GLY D 266 0.43 -4.53 15.32
N VAL D 267 1.10 -5.45 15.99
CA VAL D 267 1.16 -5.48 17.43
C VAL D 267 2.60 -5.24 17.85
N GLY D 268 2.77 -4.64 19.03
CA GLY D 268 4.10 -4.32 19.51
C GLY D 268 4.07 -4.29 20.99
N VAL D 269 5.16 -4.65 21.65
CA VAL D 269 5.17 -4.44 23.08
C VAL D 269 6.28 -3.48 23.40
N ASN D 270 6.02 -2.55 24.31
CA ASN D 270 7.13 -1.74 24.78
C ASN D 270 7.43 -2.03 26.24
N ILE D 271 8.69 -1.84 26.60
CA ILE D 271 9.23 -2.12 27.92
C ILE D 271 9.79 -0.80 28.44
N PHE D 272 9.35 -0.37 29.61
CA PHE D 272 9.85 0.87 30.24
C PHE D 272 10.72 0.54 31.42
N TRP D 273 11.85 1.20 31.55
CA TRP D 273 12.64 1.01 32.76
C TRP D 273 13.23 2.33 33.30
N LYS D 274 13.44 2.30 34.62
CA LYS D 274 13.97 3.42 35.38
C LYS D 274 15.43 3.66 35.03
N HIS D 275 15.67 4.78 34.36
CA HIS D 275 17.01 5.24 34.09
C HIS D 275 17.67 5.69 35.39
N LEU D 276 16.90 6.45 36.17
CA LEU D 276 17.32 7.03 37.45
C LEU D 276 17.05 6.06 38.58
N PRO D 277 17.72 6.26 39.73
CA PRO D 277 17.41 5.62 41.02
C PRO D 277 15.92 5.70 41.33
N SER D 278 15.34 4.65 41.94
CA SER D 278 13.89 4.54 42.02
C SER D 278 13.20 5.60 42.88
N GLU D 279 13.96 6.25 43.76
CA GLU D 279 13.42 7.29 44.65
C GLU D 279 13.09 8.54 43.84
N CYS D 280 13.84 8.72 42.76
CA CYS D 280 13.72 9.87 41.86
C CYS D 280 12.36 10.02 41.16
N TYR D 281 11.61 8.93 41.03
CA TYR D 281 10.29 8.99 40.35
C TYR D 281 9.10 9.15 41.30
N ASP D 282 8.07 9.81 40.78
CA ASP D 282 6.80 9.94 41.47
C ASP D 282 6.17 8.56 41.69
N LYS D 283 6.17 8.10 42.94
CA LYS D 283 5.64 6.76 43.27
C LYS D 283 4.19 6.54 42.82
N THR D 284 3.43 7.62 42.70
CA THR D 284 2.03 7.58 42.22
C THR D 284 1.88 7.06 40.75
N ASP D 285 2.88 7.33 39.92
CA ASP D 285 2.79 7.16 38.47
C ASP D 285 2.84 5.70 38.01
N THR D 286 1.77 5.24 37.38
CA THR D 286 1.73 3.86 36.90
C THR D 286 1.88 3.77 35.38
N TYR D 287 1.96 4.94 34.74
CA TYR D 287 2.14 5.05 33.28
C TYR D 287 3.60 5.23 32.85
N GLY D 288 4.35 6.06 33.59
CA GLY D 288 5.62 6.59 33.13
C GLY D 288 5.48 7.87 32.31
N ASN D 289 4.56 8.75 32.72
CA ASN D 289 4.29 10.08 32.15
C ASN D 289 4.79 11.16 33.10
N LYS D 290 4.46 10.98 34.38
CA LYS D 290 4.64 12.02 35.38
C LYS D 290 6.12 12.34 35.60
N ASP D 291 6.47 13.62 35.47
CA ASP D 291 7.83 14.07 35.66
C ASP D 291 8.40 13.71 37.04
N PRO D 292 9.68 13.34 37.07
CA PRO D 292 10.51 12.98 38.23
C PRO D 292 10.28 13.97 39.33
N THR D 293 10.29 13.54 40.60
CA THR D 293 9.89 14.47 41.66
C THR D 293 10.73 15.77 41.70
N ALA D 294 12.06 15.66 41.73
CA ALA D 294 12.90 16.86 41.63
C ALA D 294 12.29 17.91 40.70
N ALA D 295 12.21 17.60 39.42
CA ALA D 295 11.65 18.50 38.43
C ALA D 295 10.24 18.99 38.77
N SER D 296 9.43 18.12 39.37
CA SER D 296 8.09 18.54 39.75
C SER D 296 8.18 19.62 40.82
N ARG D 297 9.02 19.35 41.83
CA ARG D 297 9.30 20.32 42.90
C ARG D 297 9.78 21.64 42.29
N ALA D 298 10.97 21.65 41.71
CA ALA D 298 11.51 22.85 41.10
C ALA D 298 10.43 23.69 40.40
N ALA D 299 9.72 23.09 39.46
CA ALA D 299 8.74 23.81 38.66
C ALA D 299 7.60 24.40 39.48
N GLN D 300 7.48 23.98 40.73
CA GLN D 300 6.45 24.52 41.62
C GLN D 300 6.97 25.70 42.45
N ILE D 301 8.24 25.63 42.85
CA ILE D 301 8.87 26.77 43.50
C ILE D 301 9.00 27.89 42.48
N LEU D 302 9.44 27.56 41.28
CA LEU D 302 9.53 28.56 40.24
C LEU D 302 8.19 29.28 40.16
N ASP D 303 7.10 28.51 40.07
CA ASP D 303 5.80 29.14 39.85
C ASP D 303 5.49 30.08 41.02
N ARG D 304 6.26 29.92 42.10
CA ARG D 304 6.23 30.88 43.22
C ARG D 304 7.11 32.12 42.97
N ALA D 305 8.41 31.91 42.75
CA ALA D 305 9.26 33.01 42.32
C ALA D 305 8.51 33.91 41.35
N LEU D 306 7.73 33.32 40.45
CA LEU D 306 6.98 34.10 39.48
C LEU D 306 5.82 34.86 40.13
N LYS D 307 5.29 34.31 41.22
CA LYS D 307 4.24 34.99 41.97
C LYS D 307 4.83 36.15 42.75
N THR D 308 5.97 35.93 43.39
CA THR D 308 6.68 37.03 44.08
C THR D 308 6.97 38.19 43.13
N LEU D 309 7.48 37.87 41.96
CA LEU D 309 7.79 38.85 40.95
C LEU D 309 6.52 39.53 40.41
N ALA D 310 5.44 38.77 40.31
CA ALA D 310 4.22 39.23 39.63
C ALA D 310 3.63 40.52 40.17
N GLU D 311 3.94 40.84 41.43
CA GLU D 311 3.36 42.03 42.06
C GLU D 311 3.86 43.35 41.46
N LEU D 312 5.11 43.35 40.99
CA LEU D 312 5.66 44.48 40.24
C LEU D 312 4.96 44.68 38.90
N PRO D 313 4.97 45.91 38.38
CA PRO D 313 4.28 46.22 37.12
C PRO D 313 4.91 45.53 35.92
N GLU D 314 4.14 45.42 34.85
CA GLU D 314 4.56 44.75 33.63
C GLU D 314 6.04 44.97 33.35
N GLU D 315 6.39 46.20 32.99
CA GLU D 315 7.75 46.55 32.56
C GLU D 315 8.86 45.98 33.46
N TYR D 316 8.64 45.98 34.78
CA TYR D 316 9.65 45.51 35.72
C TYR D 316 9.65 43.99 35.81
N ARG D 317 8.44 43.45 35.90
CA ARG D 317 8.18 42.01 35.78
C ARG D 317 8.79 41.42 34.51
N ASP D 318 8.35 41.91 33.35
CA ASP D 318 8.94 41.49 32.10
C ASP D 318 10.45 41.58 32.14
N PHE D 319 10.99 42.73 32.53
CA PHE D 319 12.43 42.94 32.48
C PHE D 319 13.22 41.92 33.28
N TYR D 320 12.73 41.59 34.47
CA TYR D 320 13.42 40.67 35.35
C TYR D 320 13.15 39.21 34.98
N ALA D 321 11.93 38.95 34.52
CA ALA D 321 11.63 37.69 33.86
C ALA D 321 12.72 37.37 32.86
N ARG D 322 12.94 38.29 31.92
CA ARG D 322 13.92 38.06 30.87
C ARG D 322 15.29 37.85 31.48
N ARG D 323 15.53 38.44 32.65
CA ARG D 323 16.82 38.27 33.29
C ARG D 323 16.95 36.85 33.85
N MET D 324 15.94 36.41 34.63
CA MET D 324 15.87 35.04 35.13
C MET D 324 16.07 34.00 34.01
N VAL D 325 15.47 34.25 32.86
CA VAL D 325 15.60 33.34 31.74
C VAL D 325 17.03 33.21 31.31
N LEU D 326 17.69 34.35 31.08
CA LEU D 326 19.10 34.33 30.61
C LEU D 326 20.00 33.63 31.61
N HIS D 327 19.56 33.62 32.86
CA HIS D 327 20.28 33.03 33.95
C HIS D 327 20.14 31.51 33.88
N ILE D 328 18.89 31.03 33.89
CA ILE D 328 18.57 29.63 33.64
C ILE D 328 19.33 29.09 32.40
N GLN D 329 19.30 29.81 31.29
CA GLN D 329 20.04 29.35 30.13
C GLN D 329 21.54 29.31 30.41
N ASP D 330 21.99 30.11 31.36
CA ASP D 330 23.40 30.16 31.70
C ASP D 330 23.72 29.10 32.77
N LYS D 331 22.92 29.06 33.82
CA LYS D 331 23.10 28.12 34.91
C LYS D 331 22.73 26.66 34.59
N ALA D 332 21.58 26.46 33.95
CA ALA D 332 20.99 25.13 33.82
C ALA D 332 21.13 24.45 32.47
N TYR D 333 21.19 25.21 31.39
CA TYR D 333 21.23 24.54 30.09
C TYR D 333 22.56 23.85 29.93
N SER D 334 22.55 22.78 29.14
CA SER D 334 23.78 22.06 28.77
C SER D 334 24.91 22.22 29.79
NI NI E . -24.58 -52.09 -34.23
NI NI F . -0.29 -5.73 -21.62
C1 AKG G . 1.83 -4.17 -20.42
O1 AKG G . 2.94 -3.61 -20.40
O2 AKG G . 1.57 -5.07 -21.27
C2 AKG G . 0.73 -3.85 -19.40
O5 AKG G . -0.36 -4.41 -19.44
C3 AKG G . 1.12 -2.77 -18.35
C4 AKG G . -0.11 -2.29 -17.57
C5 AKG G . 0.34 -1.26 -16.52
O3 AKG G . 1.56 -1.26 -16.25
O4 AKG G . -0.51 -0.50 -16.00
NI NI H . 22.48 55.68 35.39
NI NI I . 5.49 6.69 24.35
C1 AKG J . 5.94 3.90 23.44
O1 AKG J . 6.41 2.75 23.28
O2 AKG J . 6.29 4.58 24.42
C2 AKG J . 4.90 4.45 22.41
O5 AKG J . 4.35 5.53 22.48
C3 AKG J . 4.61 3.45 21.33
C4 AKG J . 3.21 3.78 20.89
C5 AKG J . 2.83 2.79 19.80
O3 AKG J . 3.76 2.09 19.36
O4 AKG J . 1.62 2.78 19.46
#